data_9EAE
#
_entry.id   9EAE
#
_cell.length_a   135.350
_cell.length_b   135.350
_cell.length_c   172.797
_cell.angle_alpha   90.000
_cell.angle_beta   90.000
_cell.angle_gamma   90.000
#
_symmetry.space_group_name_H-M   'P 43 21 2'
#
loop_
_entity.id
_entity.type
_entity.pdbx_description
1 polymer 'Citrobacter BubCD'
2 polymer 'Citrobacter BubB'
3 non-polymer 'SODIUM ION'
4 water water
#
loop_
_entity_poly.entity_id
_entity_poly.type
_entity_poly.pdbx_seq_one_letter_code
_entity_poly.pdbx_strand_id
1 'polypeptide(L)'
;SNASSGNRLILTQELHTMLQKHLFPGDGKEAAAILICNRYEGGRLKLLAKELILVPYEECKSRTSDFIAWPGNYLEKAID
VAEEKSMSIILIHSHPGGFLVFSDTADSSDMQTMQSLFQGVDAIHGSAIMIHSGEMRARLYREGKFAENVELVTVAGDDI
HYWWDDKTEQQLKPIAFTSGMTDTFQKLTAAIIGVSGTGSIVAEQVARLGFGEILLIDHDHIEKKNLNRILNSTLKDALS
HRPKVDMFAEAIRCIRGEDISRPINNTIFSREAVLAAANADVLFCCVDTYLARMIADRIASSFLIPLLDVGVKIPTHVDP
DDGRKITDVTGRIDYVKPGGSTLSDRLVYTPELIYRENLNAEEYEEQLERGYITGVEEEAPSVITLNMRAASACVSEFIA
RCFPFREYPNKRFTRTFFSLAGVEEDYIDESSITQALNTRLAVGGEEPLLGLPELGDK
;
A,B
2 'polypeptide(L)'
;EEPRATRRDFSLRPEDEHYLDEMGYCWETRLVGNARWLIIHDYELPDGYNHHQVNLALLITSGYPVNMLDMFYVYPPLVR
VNGVNIPATEATVAIDSVAYQRWSRHRSWNPEIDSVISQLAMADGCLQKEVGQ
;
C
#
loop_
_chem_comp.id
_chem_comp.type
_chem_comp.name
_chem_comp.formula
NA non-polymer 'SODIUM ION' 'Na 1'
#
# COMPACT_ATOMS: atom_id res chain seq x y z
N ASN A 2 -9.64 26.25 4.15
CA ASN A 2 -9.20 27.47 4.90
C ASN A 2 -7.75 27.78 4.58
N ALA A 3 -6.84 27.00 5.15
CA ALA A 3 -5.42 27.12 4.84
C ALA A 3 -5.11 26.36 3.56
N SER A 4 -5.86 26.64 2.49
CA SER A 4 -5.68 25.99 1.20
C SER A 4 -5.51 27.01 0.07
N SER A 5 -5.37 28.30 0.41
CA SER A 5 -5.15 29.35 -0.57
C SER A 5 -3.92 30.20 -0.24
N GLY A 6 -3.15 29.81 0.78
CA GLY A 6 -1.96 30.57 1.13
C GLY A 6 -0.91 30.42 0.04
N ASN A 7 -0.36 31.55 -0.40
CA ASN A 7 0.61 31.54 -1.49
C ASN A 7 1.86 30.76 -1.08
N ARG A 8 2.73 30.51 -2.07
CA ARG A 8 3.88 29.64 -1.88
C ARG A 8 5.10 30.22 -2.59
N LEU A 9 6.28 29.87 -2.09
CA LEU A 9 7.56 30.18 -2.73
C LEU A 9 8.41 28.92 -2.62
N ILE A 10 8.62 28.23 -3.74
CA ILE A 10 9.27 26.93 -3.75
C ILE A 10 10.65 27.07 -4.37
N LEU A 11 11.67 26.59 -3.65
CA LEU A 11 13.02 26.47 -4.17
C LEU A 11 13.38 24.99 -4.27
N THR A 12 14.20 24.65 -5.27
CA THR A 12 14.76 23.32 -5.34
C THR A 12 15.91 23.19 -4.34
N GLN A 13 16.16 21.96 -3.90
CA GLN A 13 17.26 21.72 -2.97
C GLN A 13 18.57 22.25 -3.51
N GLU A 14 18.86 21.97 -4.79
CA GLU A 14 20.12 22.39 -5.38
C GLU A 14 20.26 23.90 -5.39
N LEU A 15 19.20 24.61 -5.77
CA LEU A 15 19.26 26.07 -5.81
C LEU A 15 19.40 26.64 -4.41
N HIS A 16 18.61 26.13 -3.46
CA HIS A 16 18.69 26.63 -2.09
C HIS A 16 20.08 26.39 -1.50
N THR A 17 20.67 25.23 -1.77
CA THR A 17 22.02 24.96 -1.29
C THR A 17 23.02 25.95 -1.88
N MET A 18 22.87 26.26 -3.17
CA MET A 18 23.73 27.27 -3.79
C MET A 18 23.51 28.63 -3.16
N LEU A 19 22.24 29.03 -3.04
CA LEU A 19 21.93 30.31 -2.41
C LEU A 19 22.53 30.39 -1.00
N GLN A 20 22.24 29.39 -0.16
CA GLN A 20 22.72 29.42 1.21
C GLN A 20 24.23 29.60 1.27
N LYS A 21 24.96 28.89 0.42
CA LYS A 21 26.41 29.04 0.38
C LYS A 21 26.81 30.49 0.11
N HIS A 22 26.25 31.07 -0.95
CA HIS A 22 26.61 32.44 -1.31
C HIS A 22 26.23 33.42 -0.22
N LEU A 23 25.13 33.18 0.50
CA LEU A 23 24.68 34.13 1.50
C LEU A 23 25.41 33.99 2.83
N PHE A 24 26.11 32.87 3.04
CA PHE A 24 26.84 32.63 4.30
C PHE A 24 28.20 32.04 3.96
N PRO A 25 29.07 32.85 3.34
CA PRO A 25 30.40 32.35 2.96
C PRO A 25 31.32 32.11 4.14
N GLY A 26 31.04 32.71 5.30
CA GLY A 26 31.83 32.50 6.50
C GLY A 26 32.43 33.76 7.09
N ASP A 27 32.54 34.83 6.31
CA ASP A 27 33.08 36.08 6.83
C ASP A 27 32.09 36.80 7.75
N GLY A 28 30.87 36.31 7.88
CA GLY A 28 29.90 36.92 8.75
C GLY A 28 29.24 38.17 8.20
N LYS A 29 29.48 38.51 6.95
CA LYS A 29 28.93 39.71 6.33
C LYS A 29 27.75 39.37 5.44
N GLU A 30 26.91 40.37 5.21
CA GLU A 30 25.75 40.17 4.36
C GLU A 30 26.16 39.96 2.91
N ALA A 31 25.43 39.09 2.23
CA ALA A 31 25.59 38.86 0.79
C ALA A 31 24.24 38.97 0.12
N ALA A 32 24.25 39.08 -1.21
CA ALA A 32 23.05 39.33 -1.98
C ALA A 32 22.95 38.37 -3.15
N ALA A 33 21.72 38.09 -3.56
CA ALA A 33 21.43 37.25 -4.71
C ALA A 33 20.00 37.55 -5.17
N ILE A 34 19.66 37.05 -6.36
CA ILE A 34 18.40 37.34 -7.01
C ILE A 34 17.82 36.06 -7.57
N LEU A 35 16.57 35.76 -7.20
CA LEU A 35 15.84 34.64 -7.77
C LEU A 35 14.90 35.13 -8.87
N ILE A 36 14.87 34.40 -9.98
CA ILE A 36 13.95 34.65 -11.07
C ILE A 36 12.98 33.48 -11.10
N CYS A 37 11.69 33.76 -10.89
CA CYS A 37 10.71 32.72 -10.64
C CYS A 37 9.61 32.75 -11.69
N ASN A 38 9.18 31.57 -12.10
CA ASN A 38 7.91 31.45 -12.81
C ASN A 38 6.77 31.39 -11.80
N ARG A 39 5.54 31.38 -12.31
CA ARG A 39 4.37 31.41 -11.46
C ARG A 39 3.33 30.43 -11.98
N TYR A 40 2.64 29.78 -11.05
CA TYR A 40 1.37 29.11 -11.33
C TYR A 40 0.31 29.81 -10.51
N GLU A 41 -0.56 30.56 -11.17
CA GLU A 41 -1.60 31.33 -10.48
C GLU A 41 -2.89 30.53 -10.47
N GLY A 42 -2.89 29.47 -9.70
CA GLY A 42 -4.03 28.57 -9.53
C GLY A 42 -4.88 28.98 -8.34
N GLY A 43 -5.39 27.96 -7.64
CA GLY A 43 -6.09 28.22 -6.39
C GLY A 43 -5.26 29.07 -5.45
N ARG A 44 -3.95 28.84 -5.43
CA ARG A 44 -3.01 29.64 -4.65
C ARG A 44 -1.87 30.08 -5.57
N LEU A 45 -1.27 31.22 -5.25
CA LEU A 45 -0.11 31.69 -5.98
C LEU A 45 1.11 30.87 -5.59
N LYS A 46 1.78 30.29 -6.60
CA LYS A 46 3.01 29.53 -6.39
C LYS A 46 4.13 30.20 -7.16
N LEU A 47 5.16 30.64 -6.44
CA LEU A 47 6.37 31.18 -7.05
C LEU A 47 7.37 30.05 -7.22
N LEU A 48 7.73 29.77 -8.46
CA LEU A 48 8.59 28.63 -8.79
C LEU A 48 9.96 29.17 -9.17
N ALA A 49 10.94 28.98 -8.29
CA ALA A 49 12.28 29.51 -8.52
C ALA A 49 12.93 28.81 -9.70
N LYS A 50 13.32 29.58 -10.72
CA LYS A 50 13.85 29.05 -11.96
C LYS A 50 15.32 29.39 -12.17
N GLU A 51 15.72 30.64 -11.94
CA GLU A 51 17.08 31.10 -12.21
C GLU A 51 17.64 31.82 -10.98
N LEU A 52 18.96 31.75 -10.84
CA LEU A 52 19.65 32.32 -9.68
C LEU A 52 20.83 33.14 -10.16
N ILE A 53 20.83 34.44 -9.82
CA ILE A 53 21.95 35.34 -10.08
C ILE A 53 22.60 35.64 -8.74
N LEU A 54 23.90 35.39 -8.64
CA LEU A 54 24.66 35.68 -7.44
C LEU A 54 25.46 36.96 -7.64
N VAL A 55 25.38 37.86 -6.67
CA VAL A 55 26.08 39.14 -6.72
C VAL A 55 27.47 38.92 -6.12
N PRO A 56 28.53 38.94 -6.94
CA PRO A 56 29.87 38.67 -6.39
C PRO A 56 30.25 39.70 -5.33
N TYR A 57 30.78 39.20 -4.21
CA TYR A 57 31.21 40.08 -3.12
C TYR A 57 32.13 41.18 -3.63
N GLU A 58 33.00 40.86 -4.60
CA GLU A 58 33.98 41.82 -5.06
C GLU A 58 33.32 43.05 -5.67
N GLU A 59 32.23 42.85 -6.41
CA GLU A 59 31.57 43.97 -7.08
C GLU A 59 30.81 44.86 -6.11
N CYS A 60 30.53 44.38 -4.90
CA CYS A 60 29.81 45.19 -3.92
C CYS A 60 30.69 46.33 -3.43
N LYS A 61 30.06 47.47 -3.16
CA LYS A 61 30.78 48.62 -2.64
C LYS A 61 30.94 48.57 -1.12
N SER A 62 30.04 47.85 -0.43
CA SER A 62 30.11 47.72 1.01
C SER A 62 29.55 46.37 1.41
N ARG A 63 30.20 45.72 2.37
CA ARG A 63 29.73 44.44 2.92
C ARG A 63 30.01 44.44 4.41
N THR A 64 28.94 44.41 5.22
CA THR A 64 29.06 44.42 6.67
C THR A 64 28.09 43.40 7.24
N SER A 65 28.28 43.07 8.52
CA SER A 65 27.43 42.08 9.17
C SER A 65 25.98 42.52 9.28
N ASP A 66 25.68 43.81 9.06
CA ASP A 66 24.32 44.31 9.16
C ASP A 66 23.83 44.99 7.90
N PHE A 67 24.68 45.13 6.87
CA PHE A 67 24.31 45.90 5.69
C PHE A 67 25.19 45.47 4.52
N ILE A 68 24.70 45.73 3.32
CA ILE A 68 25.46 45.47 2.10
C ILE A 68 24.94 46.42 1.02
N ALA A 69 25.86 46.91 0.19
CA ALA A 69 25.52 47.77 -0.94
C ALA A 69 26.08 47.12 -2.19
N TRP A 70 25.21 46.81 -3.14
CA TRP A 70 25.62 46.13 -4.36
C TRP A 70 25.09 46.86 -5.58
N PRO A 71 25.77 46.72 -6.72
CA PRO A 71 25.44 47.54 -7.88
C PRO A 71 24.17 47.08 -8.59
N GLY A 72 23.49 48.07 -9.18
CA GLY A 72 22.26 47.83 -9.90
C GLY A 72 22.40 47.22 -11.27
N ASN A 73 23.63 47.01 -11.76
CA ASN A 73 23.80 46.31 -13.03
C ASN A 73 23.26 44.89 -12.94
N TYR A 74 23.28 44.31 -11.73
CA TYR A 74 22.72 42.97 -11.53
C TYR A 74 21.20 43.02 -11.42
N LEU A 75 20.63 44.16 -11.01
CA LEU A 75 19.18 44.31 -11.09
C LEU A 75 18.73 44.45 -12.54
N GLU A 76 19.57 45.05 -13.39
CA GLU A 76 19.25 45.14 -14.80
C GLU A 76 19.41 43.80 -15.51
N LYS A 77 20.37 42.99 -15.08
CA LYS A 77 20.49 41.64 -15.61
C LYS A 77 19.24 40.81 -15.29
N ALA A 78 18.75 40.92 -14.04
CA ALA A 78 17.58 40.16 -13.65
C ALA A 78 16.36 40.56 -14.46
N ILE A 79 16.16 41.87 -14.67
CA ILE A 79 15.02 42.34 -15.45
C ILE A 79 15.11 41.83 -16.88
N ASP A 80 16.32 41.82 -17.45
CA ASP A 80 16.48 41.33 -18.82
C ASP A 80 16.10 39.86 -18.92
N VAL A 81 16.42 39.07 -17.87
CA VAL A 81 16.07 37.66 -17.88
C VAL A 81 14.56 37.47 -17.73
N ALA A 82 13.90 38.35 -16.99
CA ALA A 82 12.49 38.19 -16.66
C ALA A 82 11.56 38.94 -17.59
N GLU A 83 12.09 39.74 -18.52
CA GLU A 83 11.25 40.61 -19.34
C GLU A 83 10.36 39.80 -20.28
N GLU A 84 10.89 38.74 -20.88
CA GLU A 84 10.17 38.04 -21.94
C GLU A 84 8.88 37.41 -21.42
N LYS A 85 8.97 36.72 -20.29
CA LYS A 85 7.84 35.98 -19.74
C LYS A 85 7.19 36.67 -18.55
N SER A 86 7.55 37.92 -18.29
CA SER A 86 7.09 38.64 -17.10
C SER A 86 7.31 37.80 -15.85
N MET A 87 8.53 37.27 -15.72
CA MET A 87 8.85 36.45 -14.56
C MET A 87 8.93 37.31 -13.30
N SER A 88 8.81 36.66 -12.14
CA SER A 88 8.88 37.34 -10.86
C SER A 88 10.32 37.33 -10.34
N ILE A 89 10.77 38.48 -9.86
CA ILE A 89 12.13 38.65 -9.35
C ILE A 89 12.05 38.77 -7.84
N ILE A 90 12.87 37.97 -7.15
CA ILE A 90 12.93 37.98 -5.69
C ILE A 90 14.37 38.29 -5.29
N LEU A 91 14.56 39.36 -4.55
CA LEU A 91 15.87 39.69 -4.00
C LEU A 91 16.06 38.95 -2.68
N ILE A 92 17.28 38.46 -2.45
CA ILE A 92 17.60 37.67 -1.27
C ILE A 92 18.81 38.30 -0.59
N HIS A 93 18.75 38.42 0.73
CA HIS A 93 19.83 39.00 1.52
C HIS A 93 19.97 38.22 2.82
N SER A 94 21.14 38.32 3.45
CA SER A 94 21.44 37.57 4.67
C SER A 94 20.58 38.07 5.83
N HIS A 95 20.63 37.31 6.93
CA HIS A 95 19.68 37.47 8.04
C HIS A 95 19.29 38.91 8.38
N PRO A 96 20.23 39.83 8.62
CA PRO A 96 19.79 41.21 8.94
C PRO A 96 18.97 41.80 7.81
N GLY A 97 19.48 41.74 6.58
CA GLY A 97 18.70 42.05 5.41
C GLY A 97 18.86 43.46 4.89
N GLY A 98 19.36 44.39 5.70
CA GLY A 98 19.49 45.76 5.25
C GLY A 98 20.40 45.85 4.03
N PHE A 99 20.01 46.70 3.08
CA PHE A 99 20.79 46.82 1.84
C PHE A 99 20.32 48.03 1.05
N LEU A 100 21.18 48.46 0.13
CA LEU A 100 20.85 49.45 -0.90
C LEU A 100 21.41 48.97 -2.22
N VAL A 101 20.96 49.59 -3.31
CA VAL A 101 21.41 49.27 -4.66
C VAL A 101 21.90 50.57 -5.29
N PHE A 102 23.19 50.63 -5.60
CA PHE A 102 23.79 51.85 -6.12
C PHE A 102 23.98 51.77 -7.63
N SER A 103 23.68 52.87 -8.30
CA SER A 103 24.05 53.11 -9.69
C SER A 103 25.26 54.06 -9.68
N ASP A 104 25.62 54.57 -10.86
CA ASP A 104 26.65 55.59 -10.94
C ASP A 104 26.09 56.99 -10.72
N THR A 105 24.78 57.13 -10.61
CA THR A 105 24.15 58.43 -10.44
C THR A 105 23.21 58.51 -9.24
N ALA A 106 22.72 57.38 -8.73
CA ALA A 106 21.75 57.40 -7.64
C ALA A 106 21.83 56.09 -6.87
N ASP A 107 21.45 56.16 -5.60
CA ASP A 107 21.28 54.99 -4.76
C ASP A 107 19.80 54.70 -4.58
N SER A 108 19.50 53.44 -4.27
CA SER A 108 18.11 52.99 -4.16
C SER A 108 17.93 52.20 -2.87
N SER A 109 17.01 52.66 -2.03
CA SER A 109 16.62 51.90 -0.85
C SER A 109 15.94 50.60 -1.28
N ASP A 110 15.60 49.76 -0.29
CA ASP A 110 14.91 48.51 -0.59
C ASP A 110 13.56 48.78 -1.25
N MET A 111 12.81 49.76 -0.73
CA MET A 111 11.52 50.10 -1.31
C MET A 111 11.66 50.68 -2.71
N GLN A 112 12.71 51.48 -2.94
CA GLN A 112 12.94 52.06 -4.26
C GLN A 112 13.47 51.03 -5.25
N THR A 113 14.18 50.02 -4.76
CA THR A 113 14.64 48.94 -5.63
C THR A 113 13.49 48.02 -6.03
N MET A 114 12.48 47.88 -5.16
CA MET A 114 11.30 47.09 -5.51
C MET A 114 10.45 47.83 -6.54
N GLN A 115 10.39 49.15 -6.44
CA GLN A 115 9.70 49.93 -7.46
C GLN A 115 10.42 49.84 -8.80
N SER A 116 11.75 49.74 -8.79
CA SER A 116 12.50 49.64 -10.03
C SER A 116 12.23 48.32 -10.72
N LEU A 117 12.07 47.24 -9.96
CA LEU A 117 11.80 45.94 -10.56
C LEU A 117 10.44 45.93 -11.25
N PHE A 118 9.41 46.49 -10.60
CA PHE A 118 8.09 46.53 -11.23
C PHE A 118 8.11 47.36 -12.50
N GLN A 119 8.74 48.53 -12.45
CA GLN A 119 8.84 49.35 -13.66
C GLN A 119 9.50 48.58 -14.80
N GLY A 120 10.37 47.62 -14.47
CA GLY A 120 11.04 46.83 -15.47
C GLY A 120 10.20 45.67 -15.97
N VAL A 121 9.45 45.04 -15.07
CA VAL A 121 8.62 43.89 -15.41
C VAL A 121 7.27 44.08 -14.72
N ASP A 122 6.19 44.06 -15.52
CA ASP A 122 4.83 44.20 -14.99
C ASP A 122 4.41 42.85 -14.42
N ALA A 123 4.85 42.61 -13.18
CA ALA A 123 4.56 41.35 -12.51
C ALA A 123 4.77 41.54 -11.02
N ILE A 124 4.40 40.50 -10.26
CA ILE A 124 4.67 40.51 -8.83
C ILE A 124 6.16 40.29 -8.59
N HIS A 125 6.71 40.97 -7.61
CA HIS A 125 8.10 40.80 -7.20
C HIS A 125 8.15 40.72 -5.68
N GLY A 126 9.32 40.35 -5.16
CA GLY A 126 9.44 40.12 -3.74
C GLY A 126 10.84 40.36 -3.21
N SER A 127 10.95 40.31 -1.89
CA SER A 127 12.21 40.49 -1.19
C SER A 127 12.26 39.51 -0.03
N ALA A 128 13.32 38.71 0.05
CA ALA A 128 13.43 37.64 1.03
C ALA A 128 14.66 37.84 1.90
N ILE A 129 14.72 37.04 2.97
CA ILE A 129 15.85 37.04 3.90
C ILE A 129 16.11 35.59 4.31
N MET A 130 17.38 35.23 4.40
CA MET A 130 17.79 33.90 4.84
C MET A 130 18.64 34.03 6.10
N ILE A 131 18.46 33.09 7.03
CA ILE A 131 19.32 33.00 8.18
C ILE A 131 20.30 31.85 7.96
N HIS A 132 21.24 31.69 8.91
CA HIS A 132 22.36 30.79 8.70
C HIS A 132 21.90 29.36 8.48
N SER A 133 20.83 28.94 9.16
CA SER A 133 20.41 27.55 9.13
C SER A 133 19.66 27.17 7.87
N GLY A 134 19.31 28.14 7.02
CA GLY A 134 18.64 27.88 5.75
C GLY A 134 17.24 28.47 5.67
N GLU A 135 16.55 28.58 6.79
CA GLU A 135 15.19 29.09 6.81
C GLU A 135 15.10 30.41 6.04
N MET A 136 13.96 30.62 5.39
CA MET A 136 13.74 31.80 4.58
C MET A 136 12.37 32.40 4.90
N ARG A 137 12.27 33.71 4.71
CA ARG A 137 11.03 34.46 4.88
C ARG A 137 11.00 35.51 3.78
N ALA A 138 9.80 35.78 3.24
CA ALA A 138 9.69 36.60 2.05
C ALA A 138 8.45 37.48 2.10
N ARG A 139 8.57 38.64 1.48
CA ARG A 139 7.48 39.61 1.38
C ARG A 139 7.22 39.88 -0.10
N LEU A 140 5.97 39.72 -0.52
CA LEU A 140 5.59 40.00 -1.89
C LEU A 140 5.18 41.46 -2.03
N TYR A 141 5.73 42.12 -3.04
CA TYR A 141 5.43 43.52 -3.35
C TYR A 141 4.64 43.54 -4.66
N ARG A 142 3.45 44.13 -4.63
CA ARG A 142 2.57 44.16 -5.79
C ARG A 142 2.48 45.58 -6.33
N GLU A 143 2.68 45.72 -7.64
CA GLU A 143 2.73 47.03 -8.29
C GLU A 143 3.85 47.87 -7.69
N GLY A 144 4.98 47.24 -7.38
CA GLY A 144 6.14 47.92 -6.86
C GLY A 144 6.06 48.34 -5.41
N LYS A 145 4.98 48.02 -4.72
CA LYS A 145 4.75 48.47 -3.34
C LYS A 145 4.34 47.29 -2.49
N PHE A 146 4.95 47.19 -1.30
CA PHE A 146 4.71 46.06 -0.40
C PHE A 146 3.22 45.75 -0.29
N ALA A 147 2.89 44.46 -0.23
CA ALA A 147 1.51 44.03 -0.18
C ALA A 147 1.31 42.94 0.86
N GLU A 148 1.76 41.72 0.55
CA GLU A 148 1.54 40.57 1.40
C GLU A 148 2.85 39.83 1.62
N ASN A 149 2.88 39.03 2.68
CA ASN A 149 4.02 38.19 3.00
C ASN A 149 3.77 36.77 2.51
N VAL A 150 4.85 36.07 2.15
CA VAL A 150 4.73 34.69 1.71
C VAL A 150 4.30 33.83 2.89
N GLU A 151 3.19 33.12 2.73
CA GLU A 151 2.71 32.25 3.80
C GLU A 151 3.65 31.08 4.02
N LEU A 152 4.27 30.57 2.95
CA LEU A 152 5.11 29.39 3.04
C LEU A 152 6.23 29.47 2.02
N VAL A 153 7.46 29.40 2.51
CA VAL A 153 8.64 29.15 1.68
C VAL A 153 9.08 27.71 1.97
N THR A 154 9.33 26.94 0.92
CA THR A 154 9.51 25.51 1.08
C THR A 154 10.58 24.98 0.15
N VAL A 155 11.33 23.99 0.63
CA VAL A 155 12.24 23.19 -0.17
C VAL A 155 11.91 21.73 0.11
N ALA A 156 11.53 21.00 -0.93
CA ALA A 156 11.32 19.56 -0.84
C ALA A 156 12.59 18.86 -1.32
N GLY A 157 13.49 18.58 -0.38
CA GLY A 157 14.71 17.87 -0.70
C GLY A 157 14.69 16.46 -0.15
N ASP A 158 15.86 15.93 0.23
CA ASP A 158 15.88 14.66 0.94
C ASP A 158 15.04 14.74 2.20
N ASP A 159 15.21 15.83 2.96
CA ASP A 159 14.23 16.27 3.94
C ASP A 159 13.36 17.34 3.29
N ILE A 160 12.11 17.44 3.75
CA ILE A 160 11.18 18.44 3.24
C ILE A 160 11.13 19.58 4.26
N HIS A 161 11.28 20.81 3.77
CA HIS A 161 11.37 21.98 4.62
C HIS A 161 10.16 22.87 4.40
N TYR A 162 9.51 23.25 5.50
CA TYR A 162 8.35 24.14 5.49
C TYR A 162 8.68 25.30 6.44
N TRP A 163 8.83 26.50 5.89
CA TRP A 163 9.17 27.69 6.66
C TRP A 163 7.96 28.62 6.65
N TRP A 164 7.21 28.60 7.74
CA TRP A 164 5.94 29.30 7.83
C TRP A 164 6.13 30.73 8.33
N ASP A 165 5.29 31.63 7.81
CA ASP A 165 5.35 33.03 8.23
C ASP A 165 4.94 33.19 9.68
N ASP A 166 3.86 32.52 10.10
CA ASP A 166 3.35 32.70 11.45
C ASP A 166 4.24 32.06 12.51
N LYS A 167 5.19 31.22 12.11
CA LYS A 167 6.17 30.64 13.02
C LYS A 167 6.63 31.64 14.08
N LEU A 172 10.98 24.21 19.54
CA LEU A 172 11.75 23.37 18.64
C LEU A 172 10.86 22.75 17.56
N LYS A 173 11.48 22.00 16.67
CA LYS A 173 10.71 21.33 15.63
C LYS A 173 9.74 20.33 16.25
N PRO A 174 8.52 20.22 15.75
CA PRO A 174 7.62 19.17 16.24
C PRO A 174 8.08 17.79 15.79
N ILE A 175 8.04 16.84 16.72
CA ILE A 175 8.41 15.46 16.39
C ILE A 175 7.24 14.82 15.67
N ALA A 176 7.44 13.59 15.20
CA ALA A 176 6.42 12.91 14.41
C ALA A 176 5.30 12.39 15.31
N PHE A 177 4.14 12.17 14.70
CA PHE A 177 2.99 11.57 15.38
C PHE A 177 2.49 12.45 16.52
N THR A 178 2.72 13.75 16.40
CA THR A 178 2.44 14.74 17.44
C THR A 178 1.52 15.81 16.87
N SER A 179 0.88 16.56 17.77
CA SER A 179 -0.03 17.62 17.36
C SER A 179 0.61 18.53 16.32
N GLY A 180 1.87 18.93 16.55
CA GLY A 180 2.56 19.77 15.60
C GLY A 180 2.58 19.20 14.20
N MET A 181 2.57 17.87 14.06
CA MET A 181 2.50 17.25 12.75
C MET A 181 1.16 17.55 12.10
N THR A 182 0.06 17.27 12.80
CA THR A 182 -1.27 17.58 12.29
C THR A 182 -1.35 19.05 11.86
N ASP A 183 -0.81 19.95 12.67
CA ASP A 183 -0.90 21.38 12.36
C ASP A 183 -0.16 21.71 11.06
N THR A 184 0.94 21.02 10.78
CA THR A 184 1.60 21.20 9.49
C THR A 184 0.75 20.65 8.36
N PHE A 185 0.18 19.45 8.54
CA PHE A 185 -0.65 18.86 7.50
C PHE A 185 -1.89 19.70 7.23
N GLN A 186 -2.48 20.28 8.29
CA GLN A 186 -3.72 21.02 8.13
C GLN A 186 -3.57 22.19 7.17
N LYS A 187 -2.36 22.69 6.95
CA LYS A 187 -2.13 23.79 6.04
C LYS A 187 -1.76 23.34 4.63
N LEU A 188 -1.76 22.04 4.35
CA LEU A 188 -1.26 21.52 3.09
C LEU A 188 -2.36 20.93 2.23
N THR A 189 -2.06 20.78 0.95
CA THR A 189 -2.95 20.15 -0.02
C THR A 189 -2.27 18.92 -0.59
N ALA A 190 -2.99 17.79 -0.57
CA ALA A 190 -2.48 16.53 -1.08
C ALA A 190 -3.32 16.07 -2.27
N ALA A 191 -2.64 15.61 -3.30
CA ALA A 191 -3.29 15.07 -4.49
C ALA A 191 -3.09 13.56 -4.52
N ILE A 192 -4.18 12.81 -4.58
CA ILE A 192 -4.14 11.37 -4.75
C ILE A 192 -4.54 11.08 -6.18
N ILE A 193 -3.58 10.68 -6.99
CA ILE A 193 -3.82 10.32 -8.39
C ILE A 193 -4.16 8.84 -8.43
N GLY A 194 -5.41 8.53 -8.73
CA GLY A 194 -5.89 7.17 -8.63
C GLY A 194 -6.43 6.85 -7.26
N VAL A 195 -7.74 6.66 -7.16
CA VAL A 195 -8.39 6.25 -5.92
C VAL A 195 -8.58 4.75 -5.99
N SER A 196 -7.49 4.01 -5.95
CA SER A 196 -7.44 2.60 -6.28
C SER A 196 -7.28 1.75 -5.03
N GLY A 197 -6.97 0.47 -5.23
CA GLY A 197 -6.61 -0.39 -4.11
C GLY A 197 -5.61 0.28 -3.18
N THR A 198 -4.52 0.79 -3.75
CA THR A 198 -3.56 1.55 -2.96
C THR A 198 -4.00 2.99 -2.76
N GLY A 199 -4.57 3.61 -3.80
CA GLY A 199 -4.92 5.01 -3.71
C GLY A 199 -5.95 5.32 -2.65
N SER A 200 -6.96 4.46 -2.52
CA SER A 200 -7.99 4.68 -1.51
C SER A 200 -7.42 4.53 -0.11
N ILE A 201 -6.43 3.67 0.06
CA ILE A 201 -5.79 3.53 1.37
C ILE A 201 -4.92 4.76 1.65
N VAL A 202 -4.22 5.26 0.64
CA VAL A 202 -3.47 6.51 0.79
C VAL A 202 -4.42 7.64 1.14
N ALA A 203 -5.55 7.73 0.45
CA ALA A 203 -6.50 8.80 0.69
C ALA A 203 -7.05 8.75 2.12
N GLU A 204 -7.37 7.55 2.61
CA GLU A 204 -7.85 7.41 3.97
C GLU A 204 -6.84 7.94 4.97
N GLN A 205 -5.57 7.55 4.82
CA GLN A 205 -4.53 8.03 5.72
C GLN A 205 -4.38 9.54 5.65
N VAL A 206 -4.40 10.09 4.44
CA VAL A 206 -4.25 11.54 4.28
C VAL A 206 -5.38 12.27 4.96
N ALA A 207 -6.61 11.73 4.84
CA ALA A 207 -7.76 12.37 5.48
C ALA A 207 -7.65 12.32 6.99
N ARG A 208 -7.44 11.13 7.55
CA ARG A 208 -7.38 10.97 9.00
C ARG A 208 -6.12 11.56 9.61
N LEU A 209 -5.10 11.88 8.81
CA LEU A 209 -3.91 12.52 9.34
C LEU A 209 -4.08 14.03 9.50
N GLY A 210 -5.08 14.61 8.86
CA GLY A 210 -5.42 16.00 9.05
C GLY A 210 -5.06 16.95 7.92
N PHE A 211 -4.77 16.45 6.72
CA PHE A 211 -4.45 17.34 5.61
C PHE A 211 -5.61 18.28 5.32
N GLY A 212 -5.27 19.53 4.97
CA GLY A 212 -6.30 20.55 4.83
C GLY A 212 -7.11 20.47 3.56
N GLU A 213 -6.51 20.00 2.47
CA GLU A 213 -7.19 19.86 1.19
C GLU A 213 -6.72 18.57 0.53
N ILE A 214 -7.66 17.84 -0.07
CA ILE A 214 -7.40 16.53 -0.63
C ILE A 214 -8.04 16.47 -2.01
N LEU A 215 -7.21 16.48 -3.05
CA LEU A 215 -7.69 16.28 -4.41
C LEU A 215 -7.71 14.78 -4.72
N LEU A 216 -8.76 14.34 -5.40
CA LEU A 216 -8.93 12.93 -5.79
C LEU A 216 -9.16 12.88 -7.28
N ILE A 217 -8.21 12.31 -8.01
CA ILE A 217 -8.23 12.28 -9.48
C ILE A 217 -8.41 10.83 -9.92
N ASP A 218 -9.54 10.54 -10.56
CA ASP A 218 -9.81 9.20 -11.06
C ASP A 218 -11.07 9.24 -11.91
N HIS A 219 -11.07 8.48 -12.99
CA HIS A 219 -12.21 8.38 -13.90
C HIS A 219 -13.05 7.14 -13.65
N ASP A 220 -12.54 6.17 -12.90
CA ASP A 220 -13.19 4.87 -12.76
C ASP A 220 -14.31 4.92 -11.72
N HIS A 221 -15.09 3.84 -11.67
CA HIS A 221 -16.26 3.75 -10.82
C HIS A 221 -16.15 2.51 -9.93
N ILE A 222 -16.87 2.54 -8.81
CA ILE A 222 -16.93 1.38 -7.93
C ILE A 222 -17.65 0.24 -8.65
N GLU A 223 -17.19 -0.99 -8.43
CA GLU A 223 -17.74 -2.17 -9.06
C GLU A 223 -17.74 -3.31 -8.05
N LYS A 224 -18.54 -4.34 -8.32
CA LYS A 224 -18.54 -5.51 -7.45
C LYS A 224 -17.17 -6.17 -7.40
N LYS A 225 -16.35 -5.98 -8.43
CA LYS A 225 -15.02 -6.59 -8.46
C LYS A 225 -14.08 -5.90 -7.49
N ASN A 226 -14.14 -4.57 -7.39
CA ASN A 226 -13.23 -3.80 -6.56
C ASN A 226 -13.80 -3.49 -5.18
N LEU A 227 -14.91 -4.14 -4.79
CA LEU A 227 -15.39 -4.03 -3.43
C LEU A 227 -14.50 -4.75 -2.42
N ASN A 228 -13.53 -5.53 -2.90
CA ASN A 228 -12.59 -6.22 -2.02
C ASN A 228 -11.35 -5.40 -1.73
N ARG A 229 -11.26 -4.17 -2.26
CA ARG A 229 -10.05 -3.36 -2.14
C ARG A 229 -10.28 -1.90 -1.80
N ILE A 230 -11.37 -1.28 -2.25
CA ILE A 230 -11.54 0.16 -2.18
C ILE A 230 -12.13 0.52 -0.82
N LEU A 231 -11.35 1.25 -0.01
CA LEU A 231 -11.82 1.65 1.31
C LEU A 231 -13.05 2.55 1.20
N ASN A 232 -14.01 2.30 2.08
CA ASN A 232 -15.27 3.03 2.20
C ASN A 232 -16.25 2.72 1.07
N SER A 233 -15.92 1.83 0.14
CA SER A 233 -16.87 1.41 -0.87
C SER A 233 -17.88 0.46 -0.24
N THR A 234 -19.03 0.31 -0.90
CA THR A 234 -20.14 -0.46 -0.36
C THR A 234 -20.85 -1.15 -1.51
N LEU A 235 -21.61 -2.19 -1.17
CA LEU A 235 -22.37 -2.93 -2.19
C LEU A 235 -23.24 -1.97 -3.01
N LYS A 236 -23.92 -1.06 -2.34
CA LYS A 236 -24.79 -0.12 -3.03
C LYS A 236 -24.01 0.70 -4.06
N ASP A 237 -22.82 1.17 -3.69
CA ASP A 237 -22.01 1.96 -4.61
C ASP A 237 -21.61 1.13 -5.84
N ALA A 238 -21.35 -0.16 -5.64
CA ALA A 238 -20.98 -1.02 -6.76
C ALA A 238 -22.17 -1.26 -7.69
N LEU A 239 -23.35 -1.52 -7.12
CA LEU A 239 -24.53 -1.79 -7.94
C LEU A 239 -25.02 -0.54 -8.65
N SER A 240 -24.61 0.64 -8.20
CA SER A 240 -24.96 1.88 -8.87
C SER A 240 -23.81 2.43 -9.71
N HIS A 241 -22.69 1.72 -9.78
CA HIS A 241 -21.52 2.14 -10.54
C HIS A 241 -21.17 3.60 -10.22
N ARG A 242 -20.81 3.82 -8.97
CA ARG A 242 -20.55 5.17 -8.48
C ARG A 242 -19.12 5.59 -8.82
N PRO A 243 -18.91 6.79 -9.35
CA PRO A 243 -17.55 7.28 -9.54
C PRO A 243 -16.74 7.17 -8.25
N LYS A 244 -15.47 6.77 -8.40
CA LYS A 244 -14.63 6.55 -7.23
C LYS A 244 -14.36 7.85 -6.48
N VAL A 245 -14.16 8.95 -7.21
CA VAL A 245 -13.82 10.21 -6.56
C VAL A 245 -15.02 10.75 -5.80
N ASP A 246 -16.21 10.68 -6.39
CA ASP A 246 -17.41 11.12 -5.69
C ASP A 246 -17.64 10.29 -4.43
N MET A 247 -17.51 8.97 -4.54
CA MET A 247 -17.64 8.10 -3.37
C MET A 247 -16.70 8.54 -2.26
N PHE A 248 -15.41 8.71 -2.57
CA PHE A 248 -14.43 9.01 -1.54
C PHE A 248 -14.50 10.46 -1.08
N ALA A 249 -14.89 11.38 -1.96
CA ALA A 249 -15.09 12.76 -1.54
C ALA A 249 -16.19 12.84 -0.49
N GLU A 250 -17.24 12.04 -0.63
CA GLU A 250 -18.32 12.03 0.36
C GLU A 250 -17.87 11.38 1.66
N ALA A 251 -17.03 10.36 1.59
CA ALA A 251 -16.54 9.71 2.81
C ALA A 251 -15.66 10.66 3.62
N ILE A 252 -14.79 11.41 2.93
CA ILE A 252 -13.94 12.38 3.63
C ILE A 252 -14.79 13.44 4.31
N ARG A 253 -15.77 13.97 3.59
CA ARG A 253 -16.67 14.96 4.17
C ARG A 253 -17.30 14.43 5.45
N CYS A 254 -17.74 13.17 5.44
CA CYS A 254 -18.36 12.59 6.62
C CYS A 254 -17.34 12.34 7.73
N ILE A 255 -16.11 12.00 7.37
CA ILE A 255 -15.09 11.72 8.38
C ILE A 255 -14.56 13.00 9.00
N ARG A 256 -14.26 13.98 8.16
CA ARG A 256 -13.66 15.24 8.60
C ARG A 256 -14.69 16.30 8.92
N GLY A 257 -15.97 16.04 8.71
CA GLY A 257 -17.00 17.01 9.00
C GLY A 257 -16.85 18.31 8.25
N GLU A 258 -16.13 18.30 7.12
CA GLU A 258 -15.88 19.50 6.36
C GLU A 258 -15.60 19.10 4.92
N ASP A 259 -15.91 20.00 3.99
CA ASP A 259 -15.72 19.73 2.57
C ASP A 259 -14.29 20.08 2.19
N ILE A 260 -13.37 19.20 2.58
CA ILE A 260 -11.96 19.38 2.24
C ILE A 260 -11.59 18.66 0.96
N SER A 261 -12.36 17.64 0.56
CA SER A 261 -12.07 16.88 -0.65
C SER A 261 -12.50 17.67 -1.89
N ARG A 262 -11.73 17.48 -2.97
CA ARG A 262 -12.04 18.09 -4.27
C ARG A 262 -12.03 16.98 -5.30
N PRO A 263 -13.19 16.39 -5.60
CA PRO A 263 -13.22 15.28 -6.55
C PRO A 263 -13.01 15.75 -7.98
N ILE A 264 -12.15 15.04 -8.71
CA ILE A 264 -11.90 15.28 -10.12
C ILE A 264 -12.21 13.97 -10.85
N ASN A 265 -13.39 13.89 -11.45
CA ASN A 265 -13.79 12.70 -12.21
C ASN A 265 -13.19 12.81 -13.60
N ASN A 266 -11.95 12.36 -13.73
CA ASN A 266 -11.23 12.48 -14.99
C ASN A 266 -9.92 11.70 -14.87
N THR A 267 -9.33 11.41 -16.03
CA THR A 267 -7.99 10.85 -16.05
C THR A 267 -6.97 11.94 -15.71
N ILE A 268 -5.90 11.53 -15.02
CA ILE A 268 -4.81 12.46 -14.74
C ILE A 268 -4.30 13.08 -16.03
N PHE A 269 -4.41 12.35 -17.14
CA PHE A 269 -3.97 12.85 -18.45
C PHE A 269 -5.05 13.75 -19.03
N SER A 270 -5.20 14.91 -18.41
CA SER A 270 -6.18 15.89 -18.85
C SER A 270 -5.82 17.26 -18.27
N ARG A 271 -6.17 18.31 -19.00
CA ARG A 271 -5.91 19.66 -18.52
C ARG A 271 -6.54 19.89 -17.15
N GLU A 272 -7.74 19.34 -16.93
CA GLU A 272 -8.42 19.55 -15.66
C GLU A 272 -7.63 18.96 -14.50
N ALA A 273 -7.23 17.69 -14.63
CA ALA A 273 -6.53 17.03 -13.53
C ALA A 273 -5.16 17.65 -13.29
N VAL A 274 -4.41 17.92 -14.36
CA VAL A 274 -3.08 18.50 -14.21
C VAL A 274 -3.16 19.85 -13.52
N LEU A 275 -3.92 20.78 -14.10
CA LEU A 275 -4.02 22.12 -13.55
C LEU A 275 -4.60 22.13 -12.14
N ALA A 276 -5.34 21.08 -11.76
CA ALA A 276 -5.77 20.96 -10.38
C ALA A 276 -4.68 20.37 -9.50
N ALA A 277 -4.00 19.33 -9.99
CA ALA A 277 -2.93 18.72 -9.23
C ALA A 277 -1.77 19.68 -9.01
N ALA A 278 -1.59 20.64 -9.91
CA ALA A 278 -0.50 21.60 -9.79
C ALA A 278 -0.62 22.50 -8.57
N ASN A 279 -1.78 22.54 -7.92
CA ASN A 279 -1.95 23.31 -6.70
C ASN A 279 -1.48 22.57 -5.46
N ALA A 280 -1.24 21.27 -5.56
CA ALA A 280 -0.97 20.47 -4.38
C ALA A 280 0.46 20.69 -3.88
N ASP A 281 0.66 20.39 -2.60
CA ASP A 281 1.97 20.42 -1.97
C ASP A 281 2.66 19.05 -1.99
N VAL A 282 1.91 18.00 -2.32
CA VAL A 282 2.49 16.66 -2.43
C VAL A 282 1.60 15.86 -3.36
N LEU A 283 2.23 15.06 -4.22
CA LEU A 283 1.52 14.18 -5.14
C LEU A 283 1.71 12.73 -4.70
N PHE A 284 0.61 12.00 -4.62
CA PHE A 284 0.62 10.56 -4.36
C PHE A 284 0.11 9.88 -5.62
N CYS A 285 1.03 9.31 -6.40
CA CYS A 285 0.66 8.59 -7.62
C CYS A 285 0.38 7.14 -7.26
N CYS A 286 -0.85 6.70 -7.47
CA CYS A 286 -1.27 5.34 -7.13
C CYS A 286 -2.01 4.70 -8.29
N VAL A 287 -1.71 5.14 -9.52
CA VAL A 287 -2.25 4.53 -10.72
C VAL A 287 -1.28 3.46 -11.20
N ASP A 288 -1.83 2.35 -11.71
CA ASP A 288 -1.01 1.28 -12.25
C ASP A 288 -1.03 1.30 -13.77
N THR A 289 -0.64 2.42 -14.36
CA THR A 289 -0.32 2.51 -15.77
C THR A 289 0.93 3.35 -15.92
N TYR A 290 1.70 3.06 -16.98
CA TYR A 290 2.92 3.81 -17.23
C TYR A 290 2.61 5.25 -17.61
N LEU A 291 1.64 5.44 -18.50
CA LEU A 291 1.31 6.80 -18.94
C LEU A 291 0.89 7.67 -17.77
N ALA A 292 0.09 7.12 -16.85
CA ALA A 292 -0.33 7.88 -15.67
C ALA A 292 0.86 8.26 -14.81
N ARG A 293 1.75 7.30 -14.55
CA ARG A 293 2.96 7.59 -13.79
C ARG A 293 3.83 8.62 -14.52
N MET A 294 3.80 8.62 -15.84
CA MET A 294 4.58 9.61 -16.60
C MET A 294 3.98 11.01 -16.44
N ILE A 295 2.65 11.12 -16.52
CA ILE A 295 2.01 12.42 -16.36
C ILE A 295 2.27 12.96 -14.96
N ALA A 296 2.24 12.08 -13.95
CA ALA A 296 2.45 12.52 -12.58
C ALA A 296 3.87 12.99 -12.33
N ASP A 297 4.85 12.38 -13.01
CA ASP A 297 6.24 12.77 -12.85
C ASP A 297 6.52 14.10 -13.55
N ARG A 298 5.84 14.38 -14.67
CA ARG A 298 5.99 15.66 -15.34
C ARG A 298 5.44 16.79 -14.49
N ILE A 299 4.28 16.57 -13.85
CA ILE A 299 3.72 17.59 -12.96
C ILE A 299 4.71 17.92 -11.85
N ALA A 300 5.33 16.89 -11.27
CA ALA A 300 6.19 17.11 -10.10
C ALA A 300 7.36 18.03 -10.43
N SER A 301 7.97 17.87 -11.62
CA SER A 301 9.11 18.70 -11.97
C SER A 301 8.68 20.07 -12.46
N SER A 302 7.57 20.14 -13.21
CA SER A 302 7.15 21.42 -13.77
C SER A 302 6.65 22.38 -12.71
N PHE A 303 6.03 21.86 -11.65
CA PHE A 303 5.44 22.68 -10.60
C PHE A 303 6.13 22.49 -9.26
N LEU A 304 7.30 21.86 -9.24
CA LEU A 304 8.11 21.71 -8.04
C LEU A 304 7.29 21.18 -6.86
N ILE A 305 6.69 20.01 -7.09
CA ILE A 305 5.86 19.34 -6.09
C ILE A 305 6.53 18.00 -5.76
N PRO A 306 6.83 17.71 -4.50
CA PRO A 306 7.35 16.38 -4.17
C PRO A 306 6.34 15.31 -4.55
N LEU A 307 6.84 14.22 -5.12
CA LEU A 307 6.00 13.13 -5.61
C LEU A 307 6.38 11.83 -4.91
N LEU A 308 5.38 11.09 -4.46
CA LEU A 308 5.54 9.73 -3.95
C LEU A 308 4.76 8.81 -4.86
N ASP A 309 5.45 7.89 -5.52
CA ASP A 309 4.84 6.92 -6.43
C ASP A 309 4.96 5.54 -5.83
N VAL A 310 3.85 4.82 -5.79
CA VAL A 310 3.77 3.51 -5.15
C VAL A 310 3.21 2.51 -6.14
N GLY A 311 3.69 1.27 -6.03
CA GLY A 311 3.24 0.21 -6.91
C GLY A 311 3.32 -1.14 -6.23
N VAL A 312 2.51 -2.06 -6.73
CA VAL A 312 2.46 -3.43 -6.22
C VAL A 312 2.28 -4.36 -7.41
N LYS A 313 2.75 -5.60 -7.25
CA LYS A 313 2.64 -6.58 -8.31
C LYS A 313 2.69 -7.98 -7.71
N ILE A 314 1.82 -8.85 -8.20
CA ILE A 314 1.81 -10.25 -7.79
C ILE A 314 2.01 -11.12 -9.04
N PRO A 315 3.23 -11.22 -9.55
CA PRO A 315 3.44 -12.05 -10.75
C PRO A 315 3.16 -13.52 -10.48
N THR A 316 2.62 -14.20 -11.49
CA THR A 316 2.26 -15.61 -11.39
C THR A 316 2.84 -16.37 -12.58
N HIS A 317 3.26 -17.61 -12.32
CA HIS A 317 3.68 -18.53 -13.36
C HIS A 317 2.74 -19.74 -13.32
N VAL A 318 3.06 -20.78 -14.11
CA VAL A 318 2.27 -21.99 -14.16
C VAL A 318 3.22 -23.18 -14.22
N ASP A 319 3.30 -23.96 -13.15
CA ASP A 319 4.11 -25.16 -13.11
C ASP A 319 3.38 -26.31 -13.81
N PRO A 320 4.09 -27.16 -14.56
CA PRO A 320 3.41 -28.31 -15.18
C PRO A 320 3.13 -29.44 -14.20
N ASP A 321 3.73 -29.41 -13.01
CA ASP A 321 3.54 -30.44 -11.99
C ASP A 321 2.46 -30.06 -10.97
N ASP A 322 2.34 -28.78 -10.63
CA ASP A 322 1.38 -28.30 -9.66
C ASP A 322 0.29 -27.44 -10.27
N GLY A 323 0.66 -26.45 -11.09
CA GLY A 323 -0.27 -25.54 -11.71
C GLY A 323 0.16 -24.11 -11.47
N ARG A 324 -0.79 -23.18 -11.63
CA ARG A 324 -0.51 -21.77 -11.39
C ARG A 324 0.05 -21.58 -9.99
N LYS A 325 1.18 -20.86 -9.91
CA LYS A 325 1.82 -20.54 -8.64
C LYS A 325 2.09 -19.05 -8.57
N ILE A 326 2.13 -18.51 -7.35
CA ILE A 326 2.52 -17.12 -7.15
C ILE A 326 4.03 -17.03 -7.28
N THR A 327 4.50 -16.28 -8.27
CA THR A 327 5.94 -16.11 -8.46
C THR A 327 6.53 -15.27 -7.34
N ASP A 328 5.93 -14.11 -7.06
CA ASP A 328 6.45 -13.19 -6.07
C ASP A 328 5.33 -12.25 -5.64
N VAL A 329 5.54 -11.59 -4.50
CA VAL A 329 4.59 -10.62 -3.96
C VAL A 329 5.44 -9.42 -3.55
N THR A 330 5.39 -8.36 -4.34
CA THR A 330 6.33 -7.25 -4.19
C THR A 330 5.60 -5.91 -4.12
N GLY A 331 6.33 -4.91 -3.65
CA GLY A 331 5.85 -3.54 -3.67
C GLY A 331 7.02 -2.60 -3.85
N ARG A 332 6.70 -1.37 -4.26
CA ARG A 332 7.71 -0.37 -4.57
C ARG A 332 7.19 0.99 -4.13
N ILE A 333 8.05 1.75 -3.45
CA ILE A 333 7.78 3.15 -3.11
C ILE A 333 8.93 3.99 -3.64
N ASP A 334 8.61 5.03 -4.40
CA ASP A 334 9.59 5.93 -4.98
C ASP A 334 9.25 7.35 -4.55
N TYR A 335 10.23 8.04 -3.94
CA TYR A 335 10.11 9.45 -3.60
C TYR A 335 10.93 10.27 -4.58
N VAL A 336 10.31 11.29 -5.17
CA VAL A 336 10.94 12.10 -6.20
C VAL A 336 10.88 13.55 -5.76
N LYS A 337 12.05 14.14 -5.48
CA LYS A 337 12.17 15.54 -5.10
C LYS A 337 12.46 16.39 -6.33
N PRO A 338 11.95 17.62 -6.39
CA PRO A 338 12.24 18.47 -7.56
C PRO A 338 13.74 18.67 -7.75
N GLY A 339 14.21 18.39 -8.96
CA GLY A 339 15.60 18.53 -9.29
C GLY A 339 16.43 17.27 -9.12
N GLY A 340 15.97 16.33 -8.30
CA GLY A 340 16.63 15.05 -8.17
C GLY A 340 16.20 14.09 -9.26
N SER A 341 16.56 12.82 -9.07
CA SER A 341 16.25 11.80 -10.06
C SER A 341 14.75 11.63 -10.20
N THR A 342 14.29 11.51 -11.45
CA THR A 342 12.88 11.37 -11.76
C THR A 342 12.49 9.91 -11.90
N LEU A 343 11.18 9.66 -11.96
CA LEU A 343 10.71 8.31 -12.26
C LEU A 343 11.20 7.87 -13.65
N SER A 344 11.33 8.81 -14.58
CA SER A 344 11.92 8.50 -15.88
C SER A 344 13.36 8.02 -15.72
N ASP A 345 14.15 8.72 -14.90
CA ASP A 345 15.52 8.31 -14.67
C ASP A 345 15.58 6.89 -14.09
N ARG A 346 14.65 6.56 -13.20
CA ARG A 346 14.62 5.25 -12.55
C ARG A 346 13.94 4.20 -13.41
N LEU A 347 13.49 4.55 -14.62
CA LEU A 347 12.91 3.61 -15.57
C LEU A 347 11.59 3.03 -15.07
N VAL A 348 10.95 3.68 -14.10
CA VAL A 348 9.60 3.27 -13.70
C VAL A 348 8.69 3.26 -14.92
N TYR A 349 8.92 4.16 -15.87
CA TYR A 349 8.29 4.10 -17.18
C TYR A 349 9.35 4.40 -18.23
N THR A 350 9.10 3.96 -19.45
CA THR A 350 9.97 4.21 -20.58
C THR A 350 9.10 4.46 -21.80
N PRO A 351 9.67 5.05 -22.86
CA PRO A 351 8.89 5.18 -24.11
C PRO A 351 8.35 3.86 -24.61
N GLU A 352 9.18 2.82 -24.59
CA GLU A 352 8.73 1.49 -25.03
C GLU A 352 7.61 0.97 -24.14
N LEU A 353 7.76 1.11 -22.83
CA LEU A 353 6.74 0.61 -21.91
C LEU A 353 5.40 1.31 -22.14
N ILE A 354 5.42 2.61 -22.44
CA ILE A 354 4.19 3.34 -22.65
C ILE A 354 3.56 2.97 -23.99
N TYR A 355 4.39 2.75 -25.01
CA TYR A 355 3.89 2.41 -26.34
C TYR A 355 3.02 1.15 -26.29
N ARG A 356 3.61 0.04 -25.83
CA ARG A 356 2.89 -1.22 -25.78
C ARG A 356 1.55 -1.07 -25.05
N GLU A 357 1.56 -0.30 -23.96
CA GLU A 357 0.36 -0.17 -23.13
C GLU A 357 -0.76 0.54 -23.89
N ASN A 358 -0.44 1.57 -24.66
CA ASN A 358 -1.43 2.35 -25.37
C ASN A 358 -1.76 1.79 -26.75
N LEU A 359 -1.20 0.64 -27.11
CA LEU A 359 -1.63 -0.05 -28.32
C LEU A 359 -3.06 -0.56 -28.16
N ASN A 360 -3.80 -0.60 -29.27
CA ASN A 360 -5.14 -1.15 -29.28
C ASN A 360 -5.09 -2.62 -28.88
N ALA A 361 -6.26 -3.27 -28.78
CA ALA A 361 -6.27 -4.70 -28.51
C ALA A 361 -5.77 -5.50 -29.70
N GLU A 362 -6.20 -5.11 -30.90
CA GLU A 362 -5.72 -5.76 -32.12
C GLU A 362 -4.31 -5.33 -32.48
N GLU A 363 -3.95 -4.08 -32.17
CA GLU A 363 -2.58 -3.63 -32.41
C GLU A 363 -1.59 -4.39 -31.54
N TYR A 364 -1.94 -4.61 -30.27
CA TYR A 364 -1.03 -5.30 -29.36
C TYR A 364 -0.75 -6.72 -29.84
N GLU A 365 -1.79 -7.43 -30.26
CA GLU A 365 -1.63 -8.83 -30.64
C GLU A 365 -0.79 -8.97 -31.90
N GLU A 366 -1.05 -8.15 -32.91
CA GLU A 366 -0.32 -8.27 -34.17
C GLU A 366 1.15 -7.87 -33.99
N GLN A 367 1.42 -6.82 -33.21
CA GLN A 367 2.80 -6.46 -32.90
C GLN A 367 3.50 -7.58 -32.14
N LEU A 368 2.77 -8.22 -31.21
CA LEU A 368 3.34 -9.34 -30.46
C LEU A 368 3.66 -10.51 -31.37
N GLU A 369 2.84 -10.73 -32.39
CA GLU A 369 3.12 -11.79 -33.36
C GLU A 369 4.35 -11.45 -34.20
N ARG A 370 4.57 -10.17 -34.49
CA ARG A 370 5.75 -9.76 -35.26
C ARG A 370 7.03 -9.83 -34.44
N GLY A 371 6.92 -9.89 -33.11
CA GLY A 371 8.09 -10.00 -32.27
C GLY A 371 8.83 -8.70 -32.04
N TYR A 372 8.22 -7.56 -32.38
CA TYR A 372 8.84 -6.29 -32.02
C TYR A 372 8.51 -5.88 -30.60
N ILE A 373 7.31 -6.22 -30.12
CA ILE A 373 6.91 -5.96 -28.74
C ILE A 373 6.99 -7.27 -27.96
N THR A 374 7.28 -7.17 -26.67
CA THR A 374 7.25 -8.31 -25.78
C THR A 374 5.88 -8.41 -25.12
N GLY A 375 5.55 -9.62 -24.68
CA GLY A 375 4.29 -9.84 -24.01
C GLY A 375 4.30 -9.35 -22.58
N VAL A 376 3.11 -8.98 -22.08
CA VAL A 376 2.99 -8.53 -20.70
C VAL A 376 3.04 -9.72 -19.77
N GLU A 377 3.43 -9.47 -18.52
CA GLU A 377 3.56 -10.50 -17.51
C GLU A 377 2.22 -10.72 -16.81
N GLU A 378 1.80 -11.98 -16.71
CA GLU A 378 0.55 -12.31 -16.05
C GLU A 378 0.70 -12.22 -14.53
N GLU A 379 -0.36 -11.76 -13.88
CA GLU A 379 -0.34 -11.52 -12.44
C GLU A 379 -1.64 -12.01 -11.82
N ALA A 380 -1.60 -12.13 -10.49
CA ALA A 380 -2.76 -12.56 -9.73
C ALA A 380 -3.67 -11.37 -9.42
N PRO A 381 -4.86 -11.62 -8.89
CA PRO A 381 -5.72 -10.49 -8.48
C PRO A 381 -5.10 -9.74 -7.32
N SER A 382 -5.23 -8.41 -7.37
CA SER A 382 -4.77 -7.58 -6.27
C SER A 382 -5.51 -7.92 -4.98
N VAL A 383 -4.82 -7.79 -3.86
CA VAL A 383 -5.38 -8.12 -2.55
C VAL A 383 -5.24 -6.91 -1.64
N ILE A 384 -6.16 -6.82 -0.68
CA ILE A 384 -6.22 -5.64 0.18
C ILE A 384 -4.98 -5.55 1.07
N THR A 385 -4.43 -6.69 1.48
CA THR A 385 -3.32 -6.67 2.43
C THR A 385 -2.07 -6.08 1.80
N LEU A 386 -1.71 -6.54 0.59
CA LEU A 386 -0.53 -6.00 -0.09
C LEU A 386 -0.71 -4.52 -0.38
N ASN A 387 -1.87 -4.13 -0.91
CA ASN A 387 -2.15 -2.71 -1.11
C ASN A 387 -1.95 -1.93 0.18
N MET A 388 -2.38 -2.50 1.30
CA MET A 388 -2.28 -1.81 2.59
C MET A 388 -0.83 -1.72 3.04
N ARG A 389 -0.07 -2.79 2.86
CA ARG A 389 1.36 -2.75 3.17
C ARG A 389 2.07 -1.65 2.39
N ALA A 390 1.75 -1.50 1.10
CA ALA A 390 2.43 -0.52 0.28
C ALA A 390 1.97 0.90 0.61
N ALA A 391 0.65 1.10 0.78
CA ALA A 391 0.14 2.45 1.01
C ALA A 391 0.58 2.99 2.36
N SER A 392 0.69 2.14 3.37
CA SER A 392 1.18 2.60 4.67
C SER A 392 2.63 3.07 4.56
N ALA A 393 3.45 2.35 3.79
CA ALA A 393 4.83 2.76 3.60
C ALA A 393 4.93 4.06 2.81
N CYS A 394 4.07 4.23 1.81
CA CYS A 394 4.11 5.44 1.00
C CYS A 394 3.88 6.68 1.84
N VAL A 395 2.84 6.65 2.70
CA VAL A 395 2.53 7.82 3.51
C VAL A 395 3.54 7.96 4.65
N SER A 396 4.03 6.84 5.18
CA SER A 396 5.08 6.91 6.19
C SER A 396 6.34 7.55 5.63
N GLU A 397 6.62 7.33 4.34
CA GLU A 397 7.78 7.98 3.71
C GLU A 397 7.65 9.49 3.79
N PHE A 398 6.44 10.02 3.53
CA PHE A 398 6.25 11.46 3.57
C PHE A 398 6.45 12.00 4.98
N ILE A 399 5.96 11.30 5.98
CA ILE A 399 6.13 11.73 7.37
C ILE A 399 7.61 11.77 7.72
N ALA A 400 8.34 10.71 7.38
CA ALA A 400 9.76 10.66 7.70
C ALA A 400 10.54 11.80 7.06
N ARG A 401 10.07 12.30 5.92
CA ARG A 401 10.76 13.37 5.23
C ARG A 401 10.34 14.75 5.70
N CYS A 402 9.15 14.88 6.29
CA CYS A 402 8.72 16.12 6.90
C CYS A 402 9.11 16.20 8.37
N PHE A 403 9.36 15.07 9.02
CA PHE A 403 9.62 15.02 10.46
C PHE A 403 10.59 13.89 10.74
N PRO A 404 11.84 14.03 10.27
CA PRO A 404 12.81 12.92 10.38
C PRO A 404 12.81 12.21 11.72
N PHE A 405 12.71 10.88 11.66
CA PHE A 405 12.77 10.05 12.85
C PHE A 405 13.62 8.80 12.64
N ARG A 406 14.20 8.61 11.46
CA ARG A 406 14.99 7.42 11.18
C ARG A 406 16.43 7.59 11.67
N GLU A 407 17.13 6.46 11.78
CA GLU A 407 18.51 6.42 12.22
C GLU A 407 19.50 6.58 11.09
N TYR A 408 19.03 6.88 9.88
CA TYR A 408 19.87 7.07 8.72
C TYR A 408 19.31 8.22 7.90
N PRO A 409 20.12 8.84 7.04
CA PRO A 409 19.60 9.93 6.21
C PRO A 409 18.47 9.46 5.30
N ASN A 410 17.43 10.29 5.20
CA ASN A 410 16.31 9.97 4.33
C ASN A 410 16.76 9.69 2.90
N LYS A 411 17.94 10.18 2.51
CA LYS A 411 18.43 9.95 1.16
C LYS A 411 18.68 8.47 0.89
N ARG A 412 18.96 7.69 1.95
CA ARG A 412 19.25 6.27 1.76
C ARG A 412 18.04 5.50 1.25
N PHE A 413 16.83 6.03 1.45
CA PHE A 413 15.59 5.34 1.15
C PHE A 413 14.80 6.07 0.08
N THR A 414 15.51 6.54 -0.95
CA THR A 414 14.84 7.20 -2.06
C THR A 414 13.93 6.24 -2.81
N ARG A 415 14.39 5.02 -3.06
CA ARG A 415 13.57 3.94 -3.58
C ARG A 415 13.49 2.83 -2.54
N THR A 416 12.34 2.18 -2.45
CA THR A 416 12.14 1.05 -1.56
C THR A 416 11.47 -0.07 -2.35
N PHE A 417 11.97 -1.30 -2.17
CA PHE A 417 11.39 -2.48 -2.81
C PHE A 417 11.30 -3.57 -1.76
N PHE A 418 10.09 -3.96 -1.39
CA PHE A 418 9.89 -5.06 -0.45
C PHE A 418 9.29 -6.27 -1.17
N SER A 419 9.35 -7.42 -0.52
CA SER A 419 8.86 -8.67 -1.08
C SER A 419 8.27 -9.51 0.04
N LEU A 420 6.94 -9.71 0.01
CA LEU A 420 6.29 -10.52 1.03
C LEU A 420 6.67 -11.99 0.89
N ALA A 421 6.78 -12.48 -0.34
CA ALA A 421 7.15 -13.87 -0.56
C ALA A 421 8.63 -14.10 -0.29
N GLY A 422 9.49 -13.28 -0.90
CA GLY A 422 10.91 -13.37 -0.65
C GLY A 422 11.33 -12.93 0.74
N VAL A 423 10.42 -12.32 1.50
CA VAL A 423 10.71 -11.85 2.85
C VAL A 423 12.01 -11.05 2.82
N GLU A 424 12.07 -10.06 1.94
CA GLU A 424 13.27 -9.26 1.76
C GLU A 424 12.86 -7.85 1.35
N GLU A 425 13.59 -6.86 1.86
CA GLU A 425 13.34 -5.45 1.53
C GLU A 425 14.66 -4.77 1.20
N ASP A 426 14.65 -3.94 0.16
CA ASP A 426 15.85 -3.28 -0.33
C ASP A 426 15.60 -1.78 -0.46
N TYR A 427 16.70 -1.02 -0.49
CA TYR A 427 16.63 0.44 -0.61
C TYR A 427 17.71 0.92 -1.55
N ILE A 428 17.41 2.01 -2.27
CA ILE A 428 18.34 2.64 -3.19
C ILE A 428 18.53 4.09 -2.77
N ASP A 429 19.77 4.57 -2.88
CA ASP A 429 20.13 5.92 -2.51
C ASP A 429 20.00 6.85 -3.72
N GLU A 430 19.53 8.07 -3.47
CA GLU A 430 19.42 9.06 -4.54
C GLU A 430 20.74 9.22 -5.28
N SER A 431 21.86 9.00 -4.60
CA SER A 431 23.17 9.27 -5.18
C SER A 431 23.64 8.17 -6.12
N SER A 432 23.01 6.99 -6.08
CA SER A 432 23.34 5.92 -7.00
C SER A 432 22.44 5.89 -8.23
N ILE A 433 21.53 6.86 -8.37
CA ILE A 433 20.64 6.95 -9.52
C ILE A 433 21.19 8.01 -10.45
N THR A 434 21.24 7.70 -11.75
CA THR A 434 21.73 8.65 -12.74
C THR A 434 20.60 9.59 -13.15
N GLN A 435 20.89 10.88 -13.17
CA GLN A 435 19.92 11.91 -13.53
C GLN A 435 20.20 12.43 -14.94
N ALA A 436 19.16 12.57 -15.73
CA ALA A 436 19.24 13.21 -17.04
C ALA A 436 18.83 14.67 -16.92
N LEU A 437 19.22 15.45 -17.93
CA LEU A 437 18.92 16.88 -17.93
C LEU A 437 17.40 17.08 -17.90
N ASN A 438 16.96 17.94 -17.00
CA ASN A 438 15.54 18.25 -16.80
C ASN A 438 15.35 19.73 -17.10
N THR A 439 15.19 20.06 -18.39
CA THR A 439 14.98 21.44 -18.79
C THR A 439 13.58 21.94 -18.43
N ARG A 440 12.66 21.03 -18.12
CA ARG A 440 11.28 21.37 -17.80
C ARG A 440 11.10 21.70 -16.32
N LEU A 441 12.18 21.90 -15.57
CA LEU A 441 12.08 22.14 -14.14
C LEU A 441 11.61 23.57 -13.88
N ALA A 442 10.56 23.70 -13.08
CA ALA A 442 10.00 24.98 -12.67
C ALA A 442 9.47 25.80 -13.86
N VAL A 443 9.17 25.15 -14.99
CA VAL A 443 8.55 25.86 -16.10
C VAL A 443 7.07 26.10 -15.88
N GLY A 444 6.46 25.42 -14.91
CA GLY A 444 5.06 25.65 -14.62
C GLY A 444 4.16 25.23 -15.76
N GLY A 445 3.21 26.09 -16.09
CA GLY A 445 2.23 25.78 -17.10
C GLY A 445 2.58 26.30 -18.48
N GLU A 446 3.87 26.44 -18.76
CA GLU A 446 4.30 26.82 -20.11
C GLU A 446 3.64 25.91 -21.13
N GLU A 447 3.03 26.52 -22.15
CA GLU A 447 2.30 25.73 -23.12
C GLU A 447 3.26 25.21 -24.20
N PRO A 448 3.08 23.96 -24.68
CA PRO A 448 2.04 22.98 -24.30
C PRO A 448 2.24 22.43 -22.89
N LEU A 449 1.14 22.34 -22.14
CA LEU A 449 1.18 21.90 -20.76
C LEU A 449 1.93 20.57 -20.63
N LEU A 450 2.88 20.53 -19.69
CA LEU A 450 3.69 19.35 -19.39
C LEU A 450 4.52 18.92 -20.59
N GLY A 451 4.66 19.77 -21.60
CA GLY A 451 5.41 19.42 -22.78
C GLY A 451 4.71 18.48 -23.73
N LEU A 452 3.43 18.20 -23.51
CA LEU A 452 2.69 17.24 -24.33
C LEU A 452 1.68 17.98 -25.20
N PRO A 453 1.79 17.91 -26.53
CA PRO A 453 0.83 18.65 -27.36
C PRO A 453 -0.63 18.25 -27.12
N GLU A 454 -0.88 17.04 -26.64
CA GLU A 454 -2.26 16.63 -26.38
C GLU A 454 -2.88 17.48 -25.27
N LEU A 455 -2.09 17.81 -24.25
CA LEU A 455 -2.58 18.60 -23.11
C LEU A 455 -2.55 20.09 -23.39
N GLY A 456 -2.22 20.51 -24.60
CA GLY A 456 -2.10 21.93 -24.88
C GLY A 456 -3.45 22.61 -25.03
N ASP A 457 -3.41 23.94 -24.90
CA ASP A 457 -4.56 24.76 -25.23
C ASP A 457 -4.64 24.91 -26.75
N LYS A 458 -5.65 25.63 -27.23
CA LYS A 458 -5.83 25.83 -28.66
C LYS A 458 -4.56 26.39 -29.28
N SER B 4 -21.27 -18.96 7.72
CA SER B 4 -20.37 -20.01 8.16
C SER B 4 -20.97 -20.81 9.31
N SER B 5 -20.94 -22.14 9.19
CA SER B 5 -21.51 -23.02 10.19
C SER B 5 -20.92 -24.42 9.98
N GLY B 6 -21.23 -25.32 10.92
CA GLY B 6 -20.78 -26.69 10.83
C GLY B 6 -20.10 -27.19 12.08
N ASN B 7 -20.42 -28.40 12.53
CA ASN B 7 -19.69 -29.05 13.61
C ASN B 7 -18.25 -29.26 13.16
N ARG B 8 -17.32 -29.16 14.12
CA ARG B 8 -15.90 -29.08 13.82
C ARG B 8 -15.13 -30.07 14.67
N LEU B 9 -13.94 -30.44 14.19
CA LEU B 9 -13.05 -31.34 14.91
C LEU B 9 -11.63 -30.78 14.77
N ILE B 10 -11.10 -30.20 15.85
CA ILE B 10 -9.82 -29.52 15.82
C ILE B 10 -8.78 -30.40 16.49
N LEU B 11 -7.62 -30.56 15.85
CA LEU B 11 -6.51 -31.34 16.37
C LEU B 11 -5.26 -30.48 16.40
N THR B 12 -4.43 -30.65 17.44
CA THR B 12 -3.16 -29.95 17.49
C THR B 12 -2.18 -30.54 16.48
N GLN B 13 -1.18 -29.75 16.11
CA GLN B 13 -0.15 -30.25 15.20
C GLN B 13 0.59 -31.43 15.82
N GLU B 14 0.91 -31.33 17.11
CA GLU B 14 1.63 -32.42 17.77
C GLU B 14 0.85 -33.73 17.69
N LEU B 15 -0.43 -33.70 18.08
CA LEU B 15 -1.23 -34.91 18.05
C LEU B 15 -1.38 -35.44 16.63
N HIS B 16 -1.69 -34.56 15.68
CA HIS B 16 -1.89 -35.01 14.31
C HIS B 16 -0.64 -35.65 13.73
N THR B 17 0.51 -35.04 13.95
CA THR B 17 1.77 -35.59 13.42
C THR B 17 2.04 -36.97 14.01
N MET B 18 1.93 -37.10 15.33
CA MET B 18 2.12 -38.39 15.97
C MET B 18 1.07 -39.39 15.51
N LEU B 19 -0.18 -38.95 15.41
CA LEU B 19 -1.24 -39.80 14.90
C LEU B 19 -0.91 -40.29 13.49
N GLN B 20 -0.59 -39.36 12.59
CA GLN B 20 -0.23 -39.73 11.22
C GLN B 20 0.88 -40.76 11.19
N LYS B 21 1.93 -40.54 12.00
CA LYS B 21 3.07 -41.45 11.99
C LYS B 21 2.62 -42.89 12.29
N HIS B 22 1.79 -43.06 13.32
CA HIS B 22 1.31 -44.40 13.64
C HIS B 22 0.44 -44.95 12.53
N LEU B 23 -0.58 -44.19 12.11
CA LEU B 23 -1.53 -44.73 11.14
C LEU B 23 -0.85 -45.16 9.84
N PHE B 24 0.33 -44.62 9.55
CA PHE B 24 1.07 -44.94 8.32
C PHE B 24 2.51 -45.26 8.68
N PRO B 25 2.73 -46.41 9.32
CA PRO B 25 4.10 -46.77 9.71
C PRO B 25 5.03 -46.98 8.53
N GLY B 26 4.50 -47.41 7.39
CA GLY B 26 5.30 -47.57 6.20
C GLY B 26 5.19 -48.93 5.54
N ASP B 27 4.31 -49.79 6.05
CA ASP B 27 4.12 -51.12 5.48
C ASP B 27 2.89 -51.23 4.61
N GLY B 28 2.10 -50.15 4.48
CA GLY B 28 0.90 -50.17 3.69
C GLY B 28 -0.29 -50.87 4.33
N LYS B 29 -0.23 -51.13 5.63
CA LYS B 29 -1.26 -51.87 6.33
C LYS B 29 -2.02 -50.95 7.29
N GLU B 30 -3.30 -51.27 7.48
CA GLU B 30 -4.16 -50.45 8.32
C GLU B 30 -3.61 -50.38 9.74
N ALA B 31 -3.84 -49.23 10.38
CA ALA B 31 -3.55 -49.04 11.79
C ALA B 31 -4.70 -48.28 12.41
N ALA B 32 -4.78 -48.31 13.74
CA ALA B 32 -5.87 -47.72 14.48
C ALA B 32 -5.35 -46.79 15.55
N ALA B 33 -6.27 -46.02 16.13
CA ALA B 33 -5.95 -45.13 17.24
C ALA B 33 -7.22 -44.46 17.76
N ILE B 34 -7.42 -44.45 19.07
CA ILE B 34 -8.56 -43.77 19.67
C ILE B 34 -8.16 -42.33 19.95
N LEU B 35 -9.15 -41.43 19.93
CA LEU B 35 -8.91 -40.01 20.12
C LEU B 35 -9.99 -39.48 21.06
N ILE B 36 -9.59 -39.12 22.28
CA ILE B 36 -10.53 -38.61 23.27
C ILE B 36 -10.55 -37.09 23.16
N CYS B 37 -11.72 -36.55 22.82
CA CYS B 37 -11.89 -35.12 22.63
C CYS B 37 -12.76 -34.53 23.74
N ASN B 38 -12.48 -33.28 24.07
CA ASN B 38 -13.39 -32.48 24.87
C ASN B 38 -14.27 -31.66 23.93
N ARG B 39 -15.36 -31.14 24.47
CA ARG B 39 -16.40 -30.51 23.67
C ARG B 39 -16.59 -29.06 24.06
N TYR B 40 -16.86 -28.22 23.06
CA TYR B 40 -17.40 -26.89 23.26
C TYR B 40 -18.73 -26.80 22.54
N GLU B 41 -19.82 -26.62 23.29
CA GLU B 41 -21.17 -26.61 22.75
C GLU B 41 -21.63 -25.16 22.68
N GLY B 42 -21.29 -24.49 21.57
CA GLY B 42 -21.70 -23.12 21.35
C GLY B 42 -22.52 -22.97 20.09
N GLY B 43 -22.39 -21.83 19.40
CA GLY B 43 -23.10 -21.64 18.15
C GLY B 43 -22.91 -22.81 17.20
N ARG B 44 -21.69 -23.37 17.18
CA ARG B 44 -21.38 -24.57 16.43
C ARG B 44 -20.71 -25.57 17.37
N LEU B 45 -20.70 -26.83 16.97
CA LEU B 45 -20.06 -27.86 17.78
C LEU B 45 -18.56 -27.88 17.49
N LYS B 46 -17.76 -27.98 18.54
CA LYS B 46 -16.31 -28.00 18.45
C LYS B 46 -15.79 -29.18 19.25
N LEU B 47 -15.11 -30.11 18.56
CA LEU B 47 -14.49 -31.26 19.20
C LEU B 47 -13.02 -30.94 19.41
N LEU B 48 -12.63 -30.78 20.67
CA LEU B 48 -11.27 -30.37 21.06
C LEU B 48 -10.51 -31.62 21.46
N ALA B 49 -9.71 -32.15 20.55
CA ALA B 49 -8.92 -33.34 20.84
C ALA B 49 -7.96 -33.06 21.99
N LYS B 50 -8.08 -33.85 23.05
CA LYS B 50 -7.29 -33.68 24.27
C LYS B 50 -6.32 -34.81 24.51
N GLU B 51 -6.73 -36.07 24.31
CA GLU B 51 -5.89 -37.23 24.55
C GLU B 51 -5.91 -38.13 23.33
N LEU B 52 -4.79 -38.78 23.06
CA LEU B 52 -4.64 -39.71 21.95
C LEU B 52 -4.14 -41.03 22.47
N ILE B 53 -4.90 -42.10 22.20
CA ILE B 53 -4.52 -43.46 22.55
C ILE B 53 -4.12 -44.17 21.26
N LEU B 54 -2.91 -44.72 21.23
CA LEU B 54 -2.42 -45.49 20.10
C LEU B 54 -2.50 -46.97 20.42
N VAL B 55 -2.90 -47.78 19.44
CA VAL B 55 -3.09 -49.21 19.62
C VAL B 55 -1.85 -49.92 19.02
N PRO B 56 -1.03 -50.57 19.85
CA PRO B 56 0.19 -51.19 19.29
C PRO B 56 -0.15 -52.20 18.21
N TYR B 57 0.68 -52.21 17.15
CA TYR B 57 0.51 -53.17 16.08
C TYR B 57 0.60 -54.60 16.61
N GLU B 58 1.38 -54.81 17.68
CA GLU B 58 1.46 -56.13 18.31
C GLU B 58 0.15 -56.49 18.99
N GLU B 59 -0.47 -55.52 19.70
CA GLU B 59 -1.73 -55.79 20.37
C GLU B 59 -2.80 -56.21 19.36
N CYS B 60 -2.80 -55.60 18.18
CA CYS B 60 -3.75 -55.94 17.14
C CYS B 60 -3.57 -57.40 16.71
N LYS B 61 -4.59 -58.23 16.97
CA LYS B 61 -4.53 -59.64 16.55
C LYS B 61 -4.11 -59.75 15.08
N SER B 62 -4.66 -58.89 14.22
CA SER B 62 -4.36 -58.93 12.80
C SER B 62 -4.23 -57.51 12.27
N ARG B 63 -3.48 -57.38 11.17
CA ARG B 63 -3.33 -56.11 10.47
C ARG B 63 -3.19 -56.40 8.98
N THR B 64 -4.14 -55.93 8.19
CA THR B 64 -4.15 -56.14 6.75
C THR B 64 -4.25 -54.79 6.05
N SER B 65 -3.99 -54.82 4.74
CA SER B 65 -3.98 -53.57 3.98
C SER B 65 -5.33 -52.88 4.03
N ASP B 66 -6.43 -53.64 4.04
CA ASP B 66 -7.77 -53.08 3.97
C ASP B 66 -8.59 -53.37 5.22
N PHE B 67 -7.95 -53.78 6.32
CA PHE B 67 -8.69 -54.13 7.52
C PHE B 67 -7.74 -54.19 8.70
N ILE B 68 -8.31 -54.15 9.90
CA ILE B 68 -7.55 -54.26 11.14
C ILE B 68 -8.51 -54.64 12.26
N ALA B 69 -8.00 -55.39 13.23
CA ALA B 69 -8.78 -55.84 14.38
C ALA B 69 -7.95 -55.68 15.63
N TRP B 70 -8.39 -54.83 16.56
CA TRP B 70 -7.64 -54.51 17.75
C TRP B 70 -8.41 -54.87 19.02
N PRO B 71 -7.71 -55.06 20.13
CA PRO B 71 -8.38 -55.51 21.36
C PRO B 71 -9.29 -54.44 21.94
N GLY B 72 -10.39 -54.90 22.54
CA GLY B 72 -11.37 -53.99 23.12
C GLY B 72 -10.95 -53.38 24.44
N ASN B 73 -9.98 -53.97 25.12
CA ASN B 73 -9.50 -53.42 26.39
C ASN B 73 -8.97 -52.00 26.22
N TYR B 74 -8.68 -51.57 24.99
CA TYR B 74 -8.29 -50.18 24.76
C TYR B 74 -9.50 -49.28 24.56
N LEU B 75 -10.55 -49.77 23.90
CA LEU B 75 -11.82 -49.06 23.91
C LEU B 75 -12.31 -48.88 25.34
N GLU B 76 -12.14 -49.91 26.18
CA GLU B 76 -12.61 -49.84 27.56
C GLU B 76 -11.85 -48.79 28.36
N LYS B 77 -10.52 -48.81 28.31
CA LYS B 77 -9.75 -47.87 29.11
C LYS B 77 -10.03 -46.44 28.68
N ALA B 78 -10.17 -46.20 27.37
CA ALA B 78 -10.52 -44.86 26.89
C ALA B 78 -11.85 -44.40 27.50
N ILE B 79 -12.81 -45.32 27.64
CA ILE B 79 -14.08 -44.98 28.27
C ILE B 79 -13.85 -44.53 29.71
N ASP B 80 -13.01 -45.27 30.44
CA ASP B 80 -12.75 -44.91 31.84
C ASP B 80 -12.21 -43.49 31.97
N VAL B 81 -11.41 -43.05 30.99
CA VAL B 81 -10.83 -41.71 31.07
C VAL B 81 -11.91 -40.66 30.80
N ALA B 82 -12.83 -40.95 29.88
CA ALA B 82 -13.89 -40.01 29.53
C ALA B 82 -15.06 -40.03 30.52
N GLU B 83 -15.06 -40.95 31.48
CA GLU B 83 -16.20 -41.08 32.38
C GLU B 83 -16.39 -39.82 33.21
N GLU B 84 -15.30 -39.28 33.75
CA GLU B 84 -15.41 -38.11 34.64
C GLU B 84 -16.18 -36.98 33.97
N LYS B 85 -15.80 -36.61 32.75
CA LYS B 85 -16.38 -35.46 32.06
C LYS B 85 -17.24 -35.86 30.87
N SER B 86 -17.65 -37.12 30.80
CA SER B 86 -18.40 -37.65 29.67
C SER B 86 -17.84 -37.09 28.36
N MET B 87 -16.53 -37.30 28.18
CA MET B 87 -15.83 -36.80 27.00
C MET B 87 -16.16 -37.65 25.77
N SER B 88 -15.87 -37.08 24.60
CA SER B 88 -16.07 -37.79 23.35
C SER B 88 -14.96 -38.81 23.12
N ILE B 89 -15.25 -39.78 22.25
CA ILE B 89 -14.30 -40.85 21.94
C ILE B 89 -14.35 -41.10 20.43
N ILE B 90 -13.34 -40.62 19.72
CA ILE B 90 -13.26 -40.74 18.26
C ILE B 90 -12.28 -41.88 17.94
N LEU B 91 -12.73 -42.85 17.17
CA LEU B 91 -11.87 -43.93 16.69
C LEU B 91 -11.30 -43.54 15.33
N ILE B 92 -9.97 -43.59 15.20
CA ILE B 92 -9.28 -43.19 13.99
C ILE B 92 -8.77 -44.44 13.29
N HIS B 93 -8.71 -44.37 11.96
CA HIS B 93 -8.24 -45.49 11.14
C HIS B 93 -7.49 -44.93 9.94
N SER B 94 -7.09 -45.83 9.04
CA SER B 94 -6.34 -45.46 7.85
C SER B 94 -7.28 -45.39 6.66
N HIS B 95 -6.70 -45.25 5.46
CA HIS B 95 -7.49 -45.06 4.23
C HIS B 95 -8.69 -46.01 4.13
N PRO B 96 -8.58 -47.29 4.45
CA PRO B 96 -9.74 -48.17 4.32
C PRO B 96 -10.80 -47.84 5.36
N GLY B 97 -10.46 -47.94 6.65
CA GLY B 97 -11.37 -47.69 7.73
C GLY B 97 -11.98 -48.96 8.32
N GLY B 98 -12.18 -49.98 7.51
CA GLY B 98 -12.76 -51.23 7.98
C GLY B 98 -12.05 -51.77 9.19
N PHE B 99 -12.78 -52.00 10.28
CA PHE B 99 -12.16 -52.45 11.52
C PHE B 99 -13.17 -53.22 12.36
N LEU B 100 -12.66 -53.87 13.40
CA LEU B 100 -13.48 -54.54 14.39
C LEU B 100 -12.75 -54.48 15.72
N VAL B 101 -13.47 -54.76 16.79
CA VAL B 101 -12.93 -54.73 18.15
C VAL B 101 -13.22 -56.08 18.79
N PHE B 102 -12.24 -56.97 18.75
CA PHE B 102 -12.37 -58.27 19.38
C PHE B 102 -12.21 -58.15 20.90
N SER B 103 -12.51 -59.23 21.61
CA SER B 103 -12.35 -59.26 23.05
C SER B 103 -12.01 -60.69 23.47
N ASP B 104 -11.75 -60.86 24.76
CA ASP B 104 -11.42 -62.18 25.29
C ASP B 104 -12.56 -63.17 25.15
N THR B 105 -13.80 -62.68 24.98
CA THR B 105 -14.96 -63.55 24.85
C THR B 105 -15.70 -63.35 23.53
N ALA B 106 -16.00 -62.10 23.17
CA ALA B 106 -16.77 -61.82 21.97
C ALA B 106 -16.13 -60.66 21.21
N ASP B 107 -16.64 -60.42 20.00
CA ASP B 107 -16.12 -59.39 19.12
C ASP B 107 -17.23 -58.37 18.80
N SER B 108 -16.83 -57.27 18.17
CA SER B 108 -17.75 -56.18 17.86
C SER B 108 -17.48 -55.67 16.45
N SER B 109 -18.54 -55.21 15.79
CA SER B 109 -18.43 -54.56 14.50
C SER B 109 -18.23 -53.05 14.71
N ASP B 110 -18.10 -52.30 13.61
CA ASP B 110 -18.00 -50.86 13.71
C ASP B 110 -19.13 -50.27 14.54
N MET B 111 -20.37 -50.54 14.12
CA MET B 111 -21.53 -49.98 14.81
C MET B 111 -21.66 -50.52 16.23
N GLN B 112 -21.36 -51.81 16.42
CA GLN B 112 -21.42 -52.38 17.76
C GLN B 112 -20.41 -51.71 18.69
N THR B 113 -19.21 -51.42 18.17
CA THR B 113 -18.21 -50.70 18.94
C THR B 113 -18.69 -49.30 19.29
N MET B 114 -19.35 -48.63 18.33
CA MET B 114 -19.88 -47.31 18.60
C MET B 114 -20.95 -47.34 19.69
N GLN B 115 -21.82 -48.35 19.64
CA GLN B 115 -22.88 -48.45 20.64
C GLN B 115 -22.31 -48.72 22.04
N SER B 116 -21.17 -49.41 22.12
CA SER B 116 -20.59 -49.70 23.41
C SER B 116 -20.00 -48.45 24.05
N LEU B 117 -19.38 -47.58 23.25
CA LEU B 117 -18.81 -46.35 23.79
C LEU B 117 -19.88 -45.50 24.45
N PHE B 118 -21.04 -45.37 23.81
CA PHE B 118 -22.12 -44.57 24.39
C PHE B 118 -22.61 -45.19 25.70
N GLN B 119 -22.65 -46.53 25.76
CA GLN B 119 -23.14 -47.18 26.97
C GLN B 119 -22.24 -46.86 28.17
N GLY B 120 -20.94 -46.73 27.95
CA GLY B 120 -20.02 -46.45 29.02
C GLY B 120 -19.99 -45.00 29.43
N VAL B 121 -20.14 -44.10 28.45
CA VAL B 121 -20.12 -42.66 28.69
C VAL B 121 -21.28 -42.04 27.93
N ASP B 122 -22.13 -41.31 28.64
CA ASP B 122 -23.32 -40.70 28.05
C ASP B 122 -22.90 -39.39 27.37
N ALA B 123 -22.43 -39.53 26.14
CA ALA B 123 -21.94 -38.38 25.38
C ALA B 123 -21.90 -38.78 23.90
N ILE B 124 -21.38 -37.87 23.08
CA ILE B 124 -21.26 -38.09 21.65
C ILE B 124 -19.90 -38.71 21.36
N HIS B 125 -19.89 -39.76 20.54
CA HIS B 125 -18.66 -40.42 20.14
C HIS B 125 -18.76 -40.76 18.66
N GLY B 126 -17.63 -40.69 17.95
CA GLY B 126 -17.63 -40.91 16.53
C GLY B 126 -16.48 -41.76 16.03
N SER B 127 -16.19 -41.68 14.73
CA SER B 127 -15.13 -42.48 14.12
C SER B 127 -14.67 -41.78 12.85
N ALA B 128 -13.35 -41.68 12.66
CA ALA B 128 -12.77 -40.95 11.55
C ALA B 128 -11.78 -41.82 10.80
N ILE B 129 -11.33 -41.32 9.64
CA ILE B 129 -10.39 -42.02 8.78
C ILE B 129 -9.38 -41.01 8.24
N MET B 130 -8.12 -41.42 8.14
CA MET B 130 -7.04 -40.57 7.67
C MET B 130 -6.34 -41.21 6.48
N ILE B 131 -5.92 -40.38 5.53
CA ILE B 131 -5.15 -40.82 4.39
C ILE B 131 -3.67 -40.56 4.65
N HIS B 132 -2.81 -41.05 3.76
CA HIS B 132 -1.37 -40.87 3.94
C HIS B 132 -0.99 -39.40 3.91
N SER B 133 -1.64 -38.62 3.04
CA SER B 133 -1.35 -37.19 2.95
C SER B 133 -1.55 -36.49 4.28
N GLY B 134 -2.50 -36.97 5.08
CA GLY B 134 -2.88 -36.34 6.33
C GLY B 134 -4.30 -35.83 6.36
N GLU B 135 -4.89 -35.57 5.19
CA GLU B 135 -6.30 -35.18 5.12
C GLU B 135 -7.15 -36.17 5.90
N MET B 136 -8.13 -35.63 6.63
CA MET B 136 -8.92 -36.42 7.58
C MET B 136 -10.40 -36.12 7.43
N ARG B 137 -11.19 -37.15 7.13
CA ARG B 137 -12.64 -37.12 7.20
C ARG B 137 -13.11 -37.75 8.50
N ALA B 138 -14.36 -37.50 8.88
CA ALA B 138 -14.87 -38.03 10.13
C ALA B 138 -16.40 -38.04 10.14
N ARG B 139 -16.96 -38.78 11.10
CA ARG B 139 -18.41 -38.81 11.33
C ARG B 139 -18.65 -38.98 12.83
N LEU B 140 -19.89 -38.73 13.26
CA LEU B 140 -20.23 -38.75 14.67
C LEU B 140 -21.47 -39.60 14.91
N TYR B 141 -21.57 -40.13 16.13
CA TYR B 141 -22.70 -40.95 16.57
C TYR B 141 -23.16 -40.43 17.93
N ARG B 142 -24.44 -40.08 18.08
CA ARG B 142 -24.97 -39.77 19.41
C ARG B 142 -25.99 -40.80 19.84
N GLU B 143 -25.94 -41.14 21.12
CA GLU B 143 -26.67 -42.26 21.68
C GLU B 143 -26.23 -43.58 21.06
N GLY B 144 -24.98 -43.64 20.61
CA GLY B 144 -24.42 -44.87 20.06
C GLY B 144 -24.88 -45.21 18.66
N LYS B 145 -25.64 -44.34 18.01
CA LYS B 145 -26.15 -44.57 16.67
C LYS B 145 -25.68 -43.45 15.75
N PHE B 146 -25.53 -43.78 14.46
CA PHE B 146 -25.05 -42.80 13.48
C PHE B 146 -25.81 -41.49 13.62
N ALA B 147 -25.07 -40.38 13.56
CA ALA B 147 -25.66 -39.05 13.72
C ALA B 147 -25.35 -38.15 12.53
N GLU B 148 -24.22 -37.45 12.57
CA GLU B 148 -23.89 -36.46 11.54
C GLU B 148 -22.40 -36.51 11.23
N ASN B 149 -22.06 -36.12 10.00
CA ASN B 149 -20.66 -36.05 9.58
C ASN B 149 -20.06 -34.71 10.01
N VAL B 150 -18.76 -34.73 10.29
CA VAL B 150 -18.04 -33.53 10.71
C VAL B 150 -17.77 -32.69 9.47
N GLU B 151 -18.22 -31.43 9.49
CA GLU B 151 -18.06 -30.59 8.31
C GLU B 151 -16.60 -30.26 8.04
N LEU B 152 -15.79 -30.13 9.10
CA LEU B 152 -14.41 -29.71 8.93
C LEU B 152 -13.53 -30.33 10.01
N VAL B 153 -12.49 -31.02 9.58
CA VAL B 153 -11.37 -31.40 10.44
C VAL B 153 -10.23 -30.46 10.11
N THR B 154 -9.68 -29.80 11.13
CA THR B 154 -8.70 -28.76 10.91
C THR B 154 -7.51 -28.92 11.84
N VAL B 155 -6.34 -28.52 11.35
CA VAL B 155 -5.10 -28.53 12.10
C VAL B 155 -4.41 -27.19 11.85
N ALA B 156 -4.21 -26.41 12.91
CA ALA B 156 -3.52 -25.12 12.82
C ALA B 156 -2.10 -25.31 13.31
N GLY B 157 -1.19 -25.60 12.38
CA GLY B 157 0.21 -25.73 12.69
C GLY B 157 1.03 -24.61 12.08
N ASP B 158 2.28 -24.89 11.72
CA ASP B 158 3.07 -23.91 10.97
C ASP B 158 2.34 -23.52 9.69
N ASP B 159 1.71 -24.49 9.04
CA ASP B 159 0.69 -24.26 8.02
C ASP B 159 -0.68 -24.57 8.62
N ILE B 160 -1.70 -23.93 8.11
CA ILE B 160 -3.07 -24.13 8.58
C ILE B 160 -3.79 -25.04 7.59
N HIS B 161 -4.30 -26.16 8.10
CA HIS B 161 -4.91 -27.19 7.27
C HIS B 161 -6.41 -27.23 7.53
N TYR B 162 -7.20 -27.09 6.46
CA TYR B 162 -8.66 -27.15 6.54
C TYR B 162 -9.12 -28.30 5.64
N TRP B 163 -9.63 -29.36 6.26
CA TRP B 163 -10.07 -30.56 5.55
C TRP B 163 -11.59 -30.58 5.55
N TRP B 164 -12.19 -30.20 4.43
CA TRP B 164 -13.62 -30.02 4.33
C TRP B 164 -14.31 -31.33 3.91
N ASP B 165 -15.52 -31.52 4.42
CA ASP B 165 -16.32 -32.69 4.02
C ASP B 165 -16.67 -32.61 2.55
N ASP B 166 -16.99 -31.42 2.05
CA ASP B 166 -17.38 -31.23 0.65
C ASP B 166 -16.13 -30.91 -0.16
N LYS B 167 -15.36 -31.96 -0.45
CA LYS B 167 -14.11 -31.85 -1.19
C LYS B 167 -14.18 -32.71 -2.45
N THR B 168 -13.36 -32.35 -3.42
CA THR B 168 -13.34 -33.03 -4.72
C THR B 168 -11.89 -33.26 -5.14
N GLU B 169 -11.66 -34.38 -5.84
CA GLU B 169 -10.35 -34.62 -6.41
C GLU B 169 -10.01 -33.59 -7.47
N GLN B 170 -10.94 -33.35 -8.41
CA GLN B 170 -10.72 -32.34 -9.43
C GLN B 170 -10.46 -30.98 -8.81
N GLN B 171 -11.07 -30.69 -7.67
CA GLN B 171 -10.82 -29.45 -6.94
C GLN B 171 -9.39 -29.44 -6.41
N LEU B 172 -8.56 -28.56 -6.96
CA LEU B 172 -7.16 -28.47 -6.57
C LEU B 172 -6.97 -27.40 -5.49
N LYS B 173 -5.97 -27.61 -4.64
CA LYS B 173 -5.71 -26.65 -3.55
C LYS B 173 -5.32 -25.29 -4.15
N PRO B 174 -5.88 -24.19 -3.66
CA PRO B 174 -5.70 -22.90 -4.32
C PRO B 174 -4.45 -22.15 -3.87
N ILE B 175 -4.11 -21.12 -4.65
CA ILE B 175 -3.02 -20.23 -4.31
C ILE B 175 -3.60 -18.99 -3.64
N ALA B 176 -2.73 -18.15 -3.09
CA ALA B 176 -3.17 -16.97 -2.35
C ALA B 176 -3.58 -15.86 -3.31
N PHE B 177 -4.29 -14.87 -2.75
CA PHE B 177 -4.73 -13.69 -3.49
C PHE B 177 -5.61 -14.05 -4.69
N THR B 178 -6.22 -15.23 -4.65
CA THR B 178 -6.97 -15.79 -5.77
C THR B 178 -8.37 -16.16 -5.29
N SER B 179 -9.26 -16.39 -6.26
CA SER B 179 -10.63 -16.75 -5.93
C SER B 179 -10.70 -17.90 -4.92
N GLY B 180 -9.84 -18.90 -5.09
CA GLY B 180 -9.85 -20.04 -4.18
C GLY B 180 -9.64 -19.64 -2.73
N MET B 181 -8.85 -18.59 -2.48
CA MET B 181 -8.68 -18.09 -1.13
C MET B 181 -10.01 -17.62 -0.54
N THR B 182 -10.82 -16.94 -1.36
CA THR B 182 -12.08 -16.40 -0.87
C THR B 182 -13.02 -17.51 -0.39
N ASP B 183 -13.09 -18.62 -1.13
CA ASP B 183 -14.01 -19.68 -0.77
C ASP B 183 -13.70 -20.26 0.59
N THR B 184 -12.42 -20.48 0.89
CA THR B 184 -12.04 -20.95 2.21
C THR B 184 -12.46 -19.96 3.28
N PHE B 185 -12.13 -18.68 3.11
CA PHE B 185 -12.46 -17.68 4.10
C PHE B 185 -13.97 -17.58 4.32
N GLN B 186 -14.77 -17.78 3.26
CA GLN B 186 -16.21 -17.66 3.39
C GLN B 186 -16.80 -18.65 4.38
N LYS B 187 -16.10 -19.76 4.64
CA LYS B 187 -16.57 -20.77 5.58
C LYS B 187 -16.10 -20.53 7.02
N LEU B 188 -15.21 -19.58 7.23
CA LEU B 188 -14.55 -19.42 8.53
C LEU B 188 -15.10 -18.23 9.29
N THR B 189 -14.94 -18.28 10.60
CA THR B 189 -15.29 -17.19 11.51
C THR B 189 -14.01 -16.61 12.09
N ALA B 190 -13.88 -15.29 12.04
CA ALA B 190 -12.73 -14.58 12.59
C ALA B 190 -13.22 -13.66 13.70
N ALA B 191 -12.53 -13.68 14.83
CA ALA B 191 -12.83 -12.82 15.97
C ALA B 191 -11.77 -11.73 16.05
N ILE B 192 -12.20 -10.48 15.93
CA ILE B 192 -11.32 -9.33 16.08
C ILE B 192 -11.49 -8.81 17.50
N ILE B 193 -10.47 -8.98 18.32
CA ILE B 193 -10.49 -8.51 19.71
C ILE B 193 -9.92 -7.09 19.72
N GLY B 194 -10.79 -6.11 19.94
CA GLY B 194 -10.39 -4.72 19.89
C GLY B 194 -10.60 -4.13 18.51
N VAL B 195 -11.63 -3.30 18.35
CA VAL B 195 -11.84 -2.52 17.14
C VAL B 195 -11.01 -1.26 17.28
N SER B 196 -9.69 -1.42 17.40
CA SER B 196 -8.79 -0.35 17.76
C SER B 196 -8.20 0.27 16.49
N GLY B 197 -7.15 1.08 16.66
CA GLY B 197 -6.45 1.60 15.50
C GLY B 197 -5.98 0.50 14.58
N THR B 198 -5.50 -0.60 15.14
CA THR B 198 -5.08 -1.75 14.35
C THR B 198 -6.25 -2.69 14.05
N GLY B 199 -7.11 -2.93 15.05
CA GLY B 199 -8.21 -3.87 14.86
C GLY B 199 -9.25 -3.38 13.87
N SER B 200 -9.50 -2.08 13.83
CA SER B 200 -10.37 -1.54 12.80
C SER B 200 -9.80 -1.82 11.42
N ILE B 201 -8.48 -1.90 11.30
CA ILE B 201 -7.84 -2.18 10.03
C ILE B 201 -7.84 -3.69 9.76
N VAL B 202 -7.56 -4.49 10.78
CA VAL B 202 -7.66 -5.94 10.63
C VAL B 202 -9.08 -6.34 10.24
N ALA B 203 -10.07 -5.72 10.88
CA ALA B 203 -11.46 -6.08 10.62
C ALA B 203 -11.90 -5.64 9.23
N GLU B 204 -11.46 -4.46 8.78
CA GLU B 204 -11.78 -4.03 7.42
C GLU B 204 -11.27 -5.04 6.40
N GLN B 205 -10.02 -5.49 6.57
CA GLN B 205 -9.46 -6.47 5.64
C GLN B 205 -10.22 -7.79 5.71
N VAL B 206 -10.49 -8.27 6.93
CA VAL B 206 -11.19 -9.54 7.10
C VAL B 206 -12.54 -9.51 6.42
N ALA B 207 -13.27 -8.40 6.56
CA ALA B 207 -14.56 -8.29 5.90
C ALA B 207 -14.40 -8.25 4.38
N ARG B 208 -13.41 -7.50 3.89
CA ARG B 208 -13.22 -7.35 2.45
C ARG B 208 -12.53 -8.56 1.81
N LEU B 209 -12.00 -9.48 2.60
CA LEU B 209 -11.46 -10.73 2.08
C LEU B 209 -12.51 -11.84 2.04
N GLY B 210 -13.73 -11.57 2.48
CA GLY B 210 -14.82 -12.51 2.33
C GLY B 210 -15.04 -13.48 3.46
N PHE B 211 -14.54 -13.18 4.65
CA PHE B 211 -14.78 -14.07 5.79
C PHE B 211 -16.27 -14.19 6.05
N GLY B 212 -16.68 -15.37 6.51
CA GLY B 212 -18.08 -15.70 6.63
C GLY B 212 -18.79 -15.04 7.80
N GLU B 213 -18.14 -15.04 8.96
CA GLU B 213 -18.70 -14.44 10.17
C GLU B 213 -17.59 -13.73 10.91
N ILE B 214 -17.83 -12.48 11.29
CA ILE B 214 -16.83 -11.64 11.94
C ILE B 214 -17.35 -11.23 13.30
N LEU B 215 -16.67 -11.67 14.35
CA LEU B 215 -16.96 -11.25 15.71
C LEU B 215 -16.15 -10.00 16.05
N LEU B 216 -16.79 -9.05 16.71
CA LEU B 216 -16.16 -7.79 17.10
C LEU B 216 -16.38 -7.57 18.58
N ILE B 217 -15.30 -7.55 19.35
CA ILE B 217 -15.36 -7.49 20.82
C ILE B 217 -14.62 -6.24 21.25
N ASP B 218 -15.34 -5.32 21.90
CA ASP B 218 -14.74 -4.09 22.38
C ASP B 218 -15.78 -3.31 23.17
N HIS B 219 -15.35 -2.73 24.29
CA HIS B 219 -16.22 -1.90 25.13
C HIS B 219 -16.12 -0.43 24.77
N ASP B 220 -15.00 0.00 24.19
CA ASP B 220 -14.76 1.41 23.93
C ASP B 220 -15.75 1.94 22.90
N HIS B 221 -15.61 3.22 22.57
CA HIS B 221 -16.55 3.91 21.70
C HIS B 221 -15.81 4.96 20.89
N ILE B 222 -16.52 5.52 19.91
CA ILE B 222 -15.92 6.48 18.99
C ILE B 222 -15.90 7.86 19.64
N GLU B 223 -14.73 8.50 19.63
CA GLU B 223 -14.58 9.87 20.11
C GLU B 223 -13.79 10.66 19.08
N LYS B 224 -13.90 11.99 19.17
CA LYS B 224 -13.14 12.83 18.25
C LYS B 224 -11.64 12.62 18.38
N LYS B 225 -11.18 12.04 19.49
CA LYS B 225 -9.76 11.78 19.67
C LYS B 225 -9.25 10.63 18.81
N ASN B 226 -10.13 9.73 18.39
CA ASN B 226 -9.71 8.56 17.60
C ASN B 226 -10.35 8.53 16.21
N LEU B 227 -10.80 9.68 15.71
CA LEU B 227 -11.19 9.80 14.31
C LEU B 227 -9.98 9.90 13.39
N ASN B 228 -8.78 9.72 13.94
CA ASN B 228 -7.55 9.71 13.17
C ASN B 228 -7.01 8.31 12.95
N ARG B 229 -7.69 7.29 13.48
CA ARG B 229 -7.19 5.92 13.43
C ARG B 229 -8.27 4.90 13.11
N ILE B 230 -9.45 5.05 13.68
CA ILE B 230 -10.50 4.06 13.57
C ILE B 230 -11.13 4.13 12.18
N LEU B 231 -11.01 3.04 11.42
CA LEU B 231 -11.55 3.02 10.07
C LEU B 231 -13.07 3.04 10.09
N ASN B 232 -13.65 3.74 9.11
CA ASN B 232 -15.09 3.86 8.93
C ASN B 232 -15.75 4.77 9.95
N SER B 233 -15.06 5.10 11.04
CA SER B 233 -15.62 6.04 12.00
C SER B 233 -15.86 7.39 11.34
N THR B 234 -16.80 8.13 11.89
CA THR B 234 -17.27 9.37 11.29
C THR B 234 -17.53 10.39 12.39
N LEU B 235 -17.44 11.67 12.04
CA LEU B 235 -17.58 12.71 13.05
C LEU B 235 -18.95 12.63 13.73
N LYS B 236 -19.99 12.20 13.00
CA LYS B 236 -21.28 12.01 13.64
C LYS B 236 -21.21 10.97 14.75
N ASP B 237 -20.42 9.90 14.54
CA ASP B 237 -20.30 8.86 15.55
C ASP B 237 -19.58 9.36 16.79
N ALA B 238 -18.54 10.18 16.59
CA ALA B 238 -17.80 10.71 17.73
C ALA B 238 -18.64 11.69 18.54
N LEU B 239 -19.55 12.41 17.88
CA LEU B 239 -20.50 13.25 18.59
C LEU B 239 -21.62 12.45 19.23
N SER B 240 -21.87 11.23 18.75
CA SER B 240 -22.83 10.32 19.34
C SER B 240 -22.18 9.36 20.33
N HIS B 241 -20.85 9.37 20.46
CA HIS B 241 -20.11 8.41 21.27
C HIS B 241 -20.62 7.00 20.99
N ARG B 242 -20.68 6.65 19.71
CA ARG B 242 -21.21 5.38 19.29
C ARG B 242 -20.26 4.24 19.68
N PRO B 243 -20.79 3.13 20.22
CA PRO B 243 -19.93 1.98 20.50
C PRO B 243 -19.13 1.58 19.27
N LYS B 244 -17.87 1.23 19.50
CA LYS B 244 -16.98 0.87 18.39
C LYS B 244 -17.49 -0.35 17.65
N VAL B 245 -17.94 -1.38 18.38
CA VAL B 245 -18.39 -2.60 17.73
C VAL B 245 -19.69 -2.37 16.98
N ASP B 246 -20.52 -1.42 17.43
CA ASP B 246 -21.76 -1.13 16.72
C ASP B 246 -21.49 -0.35 15.44
N MET B 247 -20.61 0.64 15.50
CA MET B 247 -20.26 1.41 14.31
C MET B 247 -19.73 0.50 13.21
N PHE B 248 -18.82 -0.41 13.56
CA PHE B 248 -18.18 -1.24 12.55
C PHE B 248 -19.09 -2.35 12.07
N ALA B 249 -19.95 -2.89 12.94
CA ALA B 249 -20.93 -3.88 12.50
C ALA B 249 -21.81 -3.33 11.40
N GLU B 250 -22.28 -2.09 11.56
CA GLU B 250 -23.08 -1.45 10.52
C GLU B 250 -22.25 -1.17 9.28
N ALA B 251 -20.96 -0.88 9.45
CA ALA B 251 -20.10 -0.62 8.30
C ALA B 251 -19.94 -1.88 7.45
N ILE B 252 -19.72 -3.03 8.10
CA ILE B 252 -19.61 -4.29 7.37
C ILE B 252 -20.92 -4.64 6.70
N ARG B 253 -22.04 -4.39 7.37
CA ARG B 253 -23.35 -4.66 6.78
C ARG B 253 -23.50 -3.89 5.47
N CYS B 254 -23.05 -2.65 5.41
CA CYS B 254 -23.15 -1.88 4.17
C CYS B 254 -22.14 -2.37 3.14
N ILE B 255 -20.91 -2.70 3.58
CA ILE B 255 -19.88 -3.11 2.64
C ILE B 255 -20.25 -4.45 2.00
N ARG B 256 -20.61 -5.43 2.82
CA ARG B 256 -20.91 -6.78 2.34
C ARG B 256 -22.38 -6.97 1.98
N GLY B 257 -23.22 -5.97 2.20
CA GLY B 257 -24.63 -6.12 1.89
C GLY B 257 -25.28 -7.26 2.63
N GLU B 258 -24.75 -7.64 3.78
CA GLU B 258 -25.24 -8.79 4.53
C GLU B 258 -24.85 -8.59 5.99
N ASP B 259 -25.66 -9.15 6.89
CA ASP B 259 -25.39 -9.06 8.32
C ASP B 259 -24.53 -10.25 8.73
N ILE B 260 -23.22 -10.10 8.54
CA ILE B 260 -22.27 -11.15 8.83
C ILE B 260 -21.48 -10.92 10.11
N SER B 261 -21.58 -9.74 10.72
CA SER B 261 -20.79 -9.41 11.90
C SER B 261 -21.63 -9.55 13.16
N ARG B 262 -20.98 -9.97 14.24
CA ARG B 262 -21.61 -10.19 15.53
C ARG B 262 -20.99 -9.25 16.55
N PRO B 263 -21.61 -8.08 16.80
CA PRO B 263 -20.98 -7.09 17.69
C PRO B 263 -21.16 -7.44 19.16
N ILE B 264 -20.05 -7.56 19.88
CA ILE B 264 -20.05 -7.81 21.31
C ILE B 264 -19.56 -6.52 21.98
N ASN B 265 -20.49 -5.75 22.54
CA ASN B 265 -20.15 -4.51 23.23
C ASN B 265 -19.79 -4.85 24.68
N ASN B 266 -18.54 -5.24 24.86
CA ASN B 266 -18.04 -5.64 26.17
C ASN B 266 -16.53 -5.84 26.07
N THR B 267 -15.90 -5.98 27.22
CA THR B 267 -14.48 -6.29 27.26
C THR B 267 -14.26 -7.78 26.95
N ILE B 268 -13.02 -8.11 26.58
CA ILE B 268 -12.69 -9.52 26.41
C ILE B 268 -12.70 -10.24 27.75
N PHE B 269 -12.47 -9.50 28.84
CA PHE B 269 -12.49 -10.06 30.20
C PHE B 269 -13.94 -10.13 30.70
N SER B 270 -14.76 -10.87 29.95
CA SER B 270 -16.15 -11.12 30.32
C SER B 270 -16.53 -12.51 29.84
N ARG B 271 -17.43 -13.15 30.58
CA ARG B 271 -17.95 -14.45 30.14
C ARG B 271 -18.58 -14.33 28.76
N GLU B 272 -19.26 -13.21 28.48
CA GLU B 272 -19.92 -13.04 27.20
C GLU B 272 -18.90 -13.05 26.05
N ALA B 273 -17.78 -12.36 26.23
CA ALA B 273 -16.84 -12.19 25.13
C ALA B 273 -16.00 -13.45 24.90
N VAL B 274 -15.56 -14.11 25.97
CA VAL B 274 -14.81 -15.34 25.81
C VAL B 274 -15.65 -16.40 25.12
N LEU B 275 -16.89 -16.59 25.57
CA LEU B 275 -17.73 -17.64 25.02
C LEU B 275 -18.09 -17.38 23.57
N ALA B 276 -18.20 -16.11 23.16
CA ALA B 276 -18.44 -15.81 21.76
C ALA B 276 -17.18 -16.02 20.92
N ALA B 277 -16.02 -15.67 21.47
CA ALA B 277 -14.77 -15.86 20.75
C ALA B 277 -14.43 -17.32 20.57
N ALA B 278 -14.85 -18.18 21.53
CA ALA B 278 -14.52 -19.59 21.48
C ALA B 278 -15.13 -20.30 20.29
N ASN B 279 -15.96 -19.63 19.51
CA ASN B 279 -16.53 -20.19 18.30
C ASN B 279 -15.75 -19.83 17.05
N ALA B 280 -14.82 -18.87 17.13
CA ALA B 280 -14.10 -18.43 15.95
C ALA B 280 -13.10 -19.47 15.49
N ASP B 281 -12.68 -19.35 14.24
CA ASP B 281 -11.63 -20.18 13.68
C ASP B 281 -10.26 -19.52 13.76
N VAL B 282 -10.21 -18.20 13.94
CA VAL B 282 -8.95 -17.48 14.08
C VAL B 282 -9.21 -16.27 14.97
N LEU B 283 -8.24 -15.97 15.83
CA LEU B 283 -8.31 -14.85 16.76
C LEU B 283 -7.29 -13.80 16.37
N PHE B 284 -7.77 -12.57 16.18
CA PHE B 284 -6.91 -11.41 15.94
C PHE B 284 -6.96 -10.53 17.18
N CYS B 285 -5.90 -10.57 17.99
CA CYS B 285 -5.82 -9.77 19.20
C CYS B 285 -5.17 -8.42 18.89
N CYS B 286 -5.94 -7.34 19.02
CA CYS B 286 -5.49 -6.01 18.68
C CYS B 286 -5.75 -5.03 19.81
N VAL B 287 -5.62 -5.50 21.05
CA VAL B 287 -5.79 -4.67 22.24
C VAL B 287 -4.42 -4.47 22.89
N ASP B 288 -4.06 -3.22 23.14
CA ASP B 288 -2.74 -2.90 23.69
C ASP B 288 -2.79 -2.84 25.22
N THR B 289 -3.12 -4.00 25.80
CA THR B 289 -3.09 -4.17 27.24
C THR B 289 -2.63 -5.59 27.56
N TYR B 290 -1.96 -5.75 28.70
CA TYR B 290 -1.44 -7.07 29.05
C TYR B 290 -2.58 -8.03 29.40
N LEU B 291 -3.60 -7.53 30.10
CA LEU B 291 -4.73 -8.39 30.46
C LEU B 291 -5.43 -8.93 29.22
N ALA B 292 -5.72 -8.05 28.26
CA ALA B 292 -6.41 -8.47 27.05
C ALA B 292 -5.63 -9.56 26.32
N ARG B 293 -4.33 -9.34 26.12
CA ARG B 293 -3.51 -10.31 25.41
C ARG B 293 -3.45 -11.64 26.15
N MET B 294 -3.38 -11.59 27.48
CA MET B 294 -3.40 -12.83 28.25
C MET B 294 -4.73 -13.56 28.08
N ILE B 295 -5.84 -12.82 28.14
CA ILE B 295 -7.15 -13.43 27.93
C ILE B 295 -7.21 -14.08 26.54
N ALA B 296 -6.70 -13.39 25.52
CA ALA B 296 -6.73 -13.92 24.17
C ALA B 296 -5.88 -15.18 24.02
N ASP B 297 -4.77 -15.27 24.78
CA ASP B 297 -3.92 -16.45 24.71
C ASP B 297 -4.52 -17.63 25.46
N ARG B 298 -5.30 -17.36 26.51
CA ARG B 298 -6.01 -18.42 27.22
C ARG B 298 -7.12 -19.00 26.37
N ILE B 299 -7.81 -18.15 25.59
CA ILE B 299 -8.85 -18.63 24.70
C ILE B 299 -8.26 -19.54 23.63
N ALA B 300 -7.16 -19.09 23.01
CA ALA B 300 -6.59 -19.83 21.88
C ALA B 300 -6.18 -21.24 22.29
N SER B 301 -5.56 -21.39 23.46
CA SER B 301 -5.11 -22.72 23.88
C SER B 301 -6.29 -23.57 24.35
N SER B 302 -7.24 -22.96 25.07
CA SER B 302 -8.34 -23.74 25.63
C SER B 302 -9.28 -24.24 24.54
N PHE B 303 -9.47 -23.46 23.47
CA PHE B 303 -10.41 -23.82 22.41
C PHE B 303 -9.71 -24.06 21.07
N LEU B 304 -8.39 -24.26 21.10
CA LEU B 304 -7.62 -24.73 19.94
C LEU B 304 -7.85 -23.85 18.71
N ILE B 305 -7.78 -22.55 18.91
CA ILE B 305 -7.95 -21.57 17.83
C ILE B 305 -6.59 -20.93 17.56
N PRO B 306 -6.16 -20.85 16.30
CA PRO B 306 -4.94 -20.08 16.00
C PRO B 306 -5.14 -18.62 16.37
N LEU B 307 -4.08 -18.00 16.90
CA LEU B 307 -4.12 -16.63 17.38
C LEU B 307 -3.04 -15.81 16.69
N LEU B 308 -3.42 -14.61 16.23
CA LEU B 308 -2.49 -13.65 15.66
C LEU B 308 -2.57 -12.39 16.51
N ASP B 309 -1.52 -12.13 17.28
CA ASP B 309 -1.45 -10.99 18.19
C ASP B 309 -0.57 -9.92 17.58
N VAL B 310 -1.10 -8.71 17.45
CA VAL B 310 -0.41 -7.61 16.80
C VAL B 310 -0.31 -6.45 17.79
N GLY B 311 0.85 -5.81 17.81
CA GLY B 311 1.07 -4.64 18.65
C GLY B 311 2.03 -3.69 17.99
N VAL B 312 1.86 -2.40 18.30
CA VAL B 312 2.74 -1.36 17.79
C VAL B 312 3.14 -0.46 18.96
N LYS B 313 4.31 0.16 18.84
CA LYS B 313 4.84 1.01 19.89
C LYS B 313 5.71 2.10 19.28
N ILE B 314 5.51 3.34 19.72
CA ILE B 314 6.36 4.45 19.33
C ILE B 314 7.13 4.89 20.56
N PRO B 315 8.13 4.11 21.00
CA PRO B 315 8.86 4.47 22.22
C PRO B 315 9.56 5.81 22.11
N THR B 316 9.61 6.53 23.23
CA THR B 316 10.31 7.79 23.34
C THR B 316 11.36 7.70 24.44
N HIS B 317 12.45 8.42 24.25
CA HIS B 317 13.50 8.55 25.26
C HIS B 317 13.76 10.02 25.50
N VAL B 318 14.35 10.32 26.66
CA VAL B 318 14.63 11.69 27.07
C VAL B 318 16.11 11.96 26.81
N ASP B 319 16.38 12.80 25.82
CA ASP B 319 17.76 13.24 25.58
C ASP B 319 18.15 14.24 26.65
N PRO B 320 19.29 14.02 27.34
CA PRO B 320 19.60 14.89 28.49
C PRO B 320 19.67 16.38 28.15
N ASP B 321 20.09 16.73 26.94
CA ASP B 321 20.20 18.13 26.54
C ASP B 321 19.14 18.58 25.53
N ASP B 322 18.49 17.65 24.83
CA ASP B 322 17.57 18.01 23.76
C ASP B 322 16.11 17.75 24.10
N GLY B 323 15.82 17.00 25.15
CA GLY B 323 14.45 16.68 25.51
C GLY B 323 14.04 15.30 25.04
N ARG B 324 12.73 15.06 25.08
CA ARG B 324 12.19 13.77 24.69
C ARG B 324 12.16 13.64 23.17
N LYS B 325 12.61 12.49 22.67
CA LYS B 325 12.66 12.21 21.24
C LYS B 325 11.98 10.87 20.99
N ILE B 326 11.82 10.53 19.71
CA ILE B 326 11.27 9.24 19.32
C ILE B 326 12.43 8.25 19.24
N THR B 327 12.54 7.38 20.25
CA THR B 327 13.57 6.36 20.23
C THR B 327 13.41 5.45 19.01
N ASP B 328 12.18 5.06 18.70
CA ASP B 328 11.93 4.11 17.61
C ASP B 328 10.45 4.08 17.30
N VAL B 329 10.15 3.57 16.10
CA VAL B 329 8.78 3.25 15.67
C VAL B 329 8.78 1.79 15.29
N THR B 330 7.93 0.99 15.94
CA THR B 330 8.06 -0.46 15.87
C THR B 330 6.71 -1.16 15.73
N GLY B 331 6.78 -2.43 15.36
CA GLY B 331 5.60 -3.28 15.32
C GLY B 331 5.96 -4.72 15.57
N ARG B 332 5.02 -5.49 16.08
CA ARG B 332 5.23 -6.89 16.42
C ARG B 332 4.03 -7.70 15.96
N ILE B 333 4.28 -8.85 15.36
CA ILE B 333 3.25 -9.81 15.01
C ILE B 333 3.65 -11.18 15.56
N ASP B 334 2.80 -11.75 16.39
CA ASP B 334 3.01 -13.08 16.95
C ASP B 334 1.92 -14.01 16.44
N TYR B 335 2.32 -15.19 15.94
CA TYR B 335 1.40 -16.23 15.53
C TYR B 335 1.52 -17.40 16.48
N VAL B 336 0.45 -17.69 17.22
CA VAL B 336 0.42 -18.79 18.17
C VAL B 336 -0.41 -19.92 17.57
N LYS B 337 0.20 -21.08 17.40
CA LYS B 337 -0.50 -22.29 16.97
C LYS B 337 -0.89 -23.12 18.18
N PRO B 338 -2.07 -23.74 18.20
CA PRO B 338 -2.45 -24.55 19.38
C PRO B 338 -1.45 -25.68 19.59
N GLY B 339 -0.80 -25.66 20.75
CA GLY B 339 0.21 -26.63 21.10
C GLY B 339 1.63 -26.13 20.97
N GLY B 340 1.85 -25.04 20.25
CA GLY B 340 3.15 -24.42 20.14
C GLY B 340 3.44 -23.49 21.29
N SER B 341 4.43 -22.63 21.09
CA SER B 341 4.78 -21.65 22.11
C SER B 341 3.71 -20.57 22.19
N THR B 342 3.41 -20.14 23.41
CA THR B 342 2.33 -19.20 23.68
C THR B 342 2.89 -17.79 23.89
N LEU B 343 1.98 -16.81 23.82
CA LEU B 343 2.35 -15.44 24.16
C LEU B 343 3.05 -15.39 25.51
N SER B 344 2.52 -16.13 26.49
CA SER B 344 3.18 -16.22 27.78
C SER B 344 4.61 -16.72 27.64
N ASP B 345 4.80 -17.81 26.90
CA ASP B 345 6.15 -18.34 26.70
C ASP B 345 7.07 -17.32 26.06
N ARG B 346 6.52 -16.41 25.25
CA ARG B 346 7.30 -15.39 24.58
C ARG B 346 7.41 -14.11 25.40
N LEU B 347 6.91 -14.11 26.63
CA LEU B 347 7.02 -12.98 27.54
C LEU B 347 6.30 -11.74 27.02
N VAL B 348 5.37 -11.92 26.08
CA VAL B 348 4.53 -10.81 25.65
C VAL B 348 3.81 -10.21 26.84
N TYR B 349 3.53 -11.03 27.86
CA TYR B 349 2.97 -10.57 29.12
C TYR B 349 3.53 -11.44 30.22
N THR B 350 3.48 -10.93 31.44
CA THR B 350 3.88 -11.67 32.64
C THR B 350 2.88 -11.39 33.73
N PRO B 351 2.82 -12.23 34.77
CA PRO B 351 1.95 -11.91 35.91
C PRO B 351 2.28 -10.55 36.51
N GLU B 352 3.57 -10.22 36.59
CA GLU B 352 3.98 -8.91 37.09
C GLU B 352 3.44 -7.79 36.21
N LEU B 353 3.55 -7.94 34.88
CA LEU B 353 3.05 -6.92 33.98
C LEU B 353 1.53 -6.77 34.10
N ILE B 354 0.81 -7.88 34.30
CA ILE B 354 -0.64 -7.82 34.39
C ILE B 354 -1.10 -7.36 35.77
N TYR B 355 -0.25 -7.44 36.78
CA TYR B 355 -0.59 -6.89 38.08
C TYR B 355 -0.43 -5.38 38.10
N ARG B 356 0.72 -4.88 37.65
CA ARG B 356 0.96 -3.44 37.64
C ARG B 356 -0.07 -2.70 36.81
N GLU B 357 -0.45 -3.28 35.66
CA GLU B 357 -1.33 -2.58 34.74
C GLU B 357 -2.72 -2.38 35.32
N ASN B 358 -3.23 -3.38 36.05
CA ASN B 358 -4.60 -3.38 36.54
C ASN B 358 -4.60 -3.24 38.06
N LEU B 359 -4.30 -2.03 38.52
CA LEU B 359 -4.29 -1.71 39.94
C LEU B 359 -5.47 -0.80 40.26
N ASN B 360 -6.05 -0.99 41.44
CA ASN B 360 -7.15 -0.13 41.87
C ASN B 360 -6.68 1.32 41.94
N ALA B 361 -7.63 2.25 41.84
CA ALA B 361 -7.29 3.66 41.96
C ALA B 361 -6.56 3.94 43.27
N GLU B 362 -6.92 3.23 44.34
CA GLU B 362 -6.22 3.41 45.61
C GLU B 362 -4.81 2.85 45.54
N GLU B 363 -4.65 1.68 44.91
CA GLU B 363 -3.32 1.12 44.73
C GLU B 363 -2.47 2.03 43.84
N TYR B 364 -3.02 2.42 42.68
CA TYR B 364 -2.30 3.33 41.79
C TYR B 364 -1.83 4.57 42.53
N GLU B 365 -2.70 5.16 43.35
CA GLU B 365 -2.32 6.39 44.05
C GLU B 365 -1.24 6.14 45.10
N GLU B 366 -1.34 5.02 45.81
CA GLU B 366 -0.31 4.68 46.80
C GLU B 366 1.04 4.49 46.13
N GLN B 367 1.07 3.84 44.97
CA GLN B 367 2.34 3.57 44.31
C GLN B 367 2.98 4.86 43.82
N LEU B 368 2.17 5.81 43.34
CA LEU B 368 2.70 7.12 42.98
C LEU B 368 3.24 7.85 44.21
N GLU B 369 2.46 7.86 45.29
CA GLU B 369 2.85 8.60 46.49
C GLU B 369 4.12 8.05 47.12
N ARG B 370 4.48 6.80 46.81
CA ARG B 370 5.66 6.17 47.40
C ARG B 370 6.81 6.02 46.42
N GLY B 371 6.63 6.45 45.17
CA GLY B 371 7.69 6.42 44.20
C GLY B 371 7.85 5.12 43.44
N TYR B 372 7.08 4.09 43.80
CA TYR B 372 7.20 2.81 43.10
C TYR B 372 6.94 2.97 41.61
N ILE B 373 6.06 3.90 41.23
CA ILE B 373 5.76 4.18 39.82
C ILE B 373 5.75 5.70 39.64
N THR B 374 6.01 6.12 38.41
CA THR B 374 6.04 7.52 38.05
C THR B 374 4.84 7.99 37.25
N GLY B 375 4.05 7.06 36.69
CA GLY B 375 2.90 7.42 35.90
C GLY B 375 3.25 8.36 34.76
N VAL B 376 4.19 7.95 33.92
CA VAL B 376 4.67 8.76 32.81
C VAL B 376 4.42 8.01 31.52
N GLU B 377 3.98 8.74 30.48
CA GLU B 377 3.69 8.16 29.18
C GLU B 377 4.99 8.07 28.39
N GLU B 378 5.63 6.90 28.41
CA GLU B 378 6.88 6.69 27.68
C GLU B 378 6.65 6.28 26.23
N GLU B 379 5.58 6.79 25.60
CA GLU B 379 5.28 6.47 24.22
C GLU B 379 4.62 7.68 23.57
N ALA B 380 4.75 7.77 22.26
CA ALA B 380 4.16 8.86 21.49
C ALA B 380 2.78 8.45 21.00
N PRO B 381 2.00 9.40 20.47
CA PRO B 381 0.67 9.06 19.97
C PRO B 381 0.76 8.14 18.76
N SER B 382 -0.14 7.15 18.72
CA SER B 382 -0.17 6.22 17.60
C SER B 382 -0.71 6.90 16.36
N VAL B 383 -0.25 6.44 15.20
CA VAL B 383 -0.56 7.04 13.91
C VAL B 383 -1.18 5.99 13.02
N ILE B 384 -2.04 6.44 12.09
CA ILE B 384 -2.76 5.52 11.23
C ILE B 384 -1.79 4.71 10.38
N THR B 385 -0.72 5.34 9.92
CA THR B 385 0.21 4.66 9.02
C THR B 385 0.87 3.47 9.68
N LEU B 386 1.33 3.63 10.93
CA LEU B 386 1.97 2.51 11.63
C LEU B 386 0.95 1.44 11.98
N ASN B 387 -0.26 1.85 12.40
CA ASN B 387 -1.32 0.87 12.62
C ASN B 387 -1.58 0.07 11.36
N MET B 388 -1.55 0.73 10.20
CA MET B 388 -1.84 0.05 8.94
C MET B 388 -0.70 -0.89 8.55
N ARG B 389 0.55 -0.48 8.81
CA ARG B 389 1.69 -1.31 8.47
C ARG B 389 1.70 -2.61 9.26
N ALA B 390 1.22 -2.58 10.51
CA ALA B 390 1.18 -3.80 11.31
C ALA B 390 -0.05 -4.64 10.97
N ALA B 391 -1.21 -3.99 10.83
CA ALA B 391 -2.44 -4.72 10.55
C ALA B 391 -2.33 -5.49 9.24
N SER B 392 -1.74 -4.88 8.21
CA SER B 392 -1.61 -5.56 6.92
C SER B 392 -0.68 -6.77 7.04
N ALA B 393 0.43 -6.62 7.75
CA ALA B 393 1.31 -7.77 7.97
C ALA B 393 0.64 -8.83 8.81
N CYS B 394 -0.28 -8.43 9.70
CA CYS B 394 -0.95 -9.41 10.55
C CYS B 394 -1.89 -10.30 9.73
N VAL B 395 -2.75 -9.69 8.92
CA VAL B 395 -3.64 -10.48 8.09
C VAL B 395 -2.86 -11.22 7.00
N SER B 396 -1.78 -10.62 6.50
CA SER B 396 -0.96 -11.31 5.51
C SER B 396 -0.34 -12.57 6.09
N GLU B 397 -0.06 -12.57 7.40
CA GLU B 397 0.44 -13.78 8.05
C GLU B 397 -0.58 -14.91 7.94
N PHE B 398 -1.87 -14.59 8.12
CA PHE B 398 -2.90 -15.62 8.05
C PHE B 398 -3.02 -16.18 6.64
N ILE B 399 -3.07 -15.29 5.64
CA ILE B 399 -3.08 -15.75 4.25
C ILE B 399 -1.92 -16.70 4.00
N ALA B 400 -0.73 -16.35 4.49
CA ALA B 400 0.46 -17.14 4.20
C ALA B 400 0.43 -18.49 4.90
N ARG B 401 -0.15 -18.55 6.11
CA ARG B 401 -0.26 -19.83 6.81
C ARG B 401 -1.34 -20.71 6.19
N CYS B 402 -2.38 -20.10 5.63
CA CYS B 402 -3.47 -20.87 5.01
C CYS B 402 -3.14 -21.26 3.58
N PHE B 403 -2.30 -20.48 2.90
CA PHE B 403 -1.97 -20.72 1.49
C PHE B 403 -0.52 -20.35 1.28
N PRO B 404 0.40 -21.24 1.66
CA PRO B 404 1.83 -20.90 1.63
C PRO B 404 2.27 -20.34 0.29
N PHE B 405 2.99 -19.22 0.34
CA PHE B 405 3.58 -18.63 -0.87
C PHE B 405 5.00 -18.11 -0.66
N ARG B 406 5.49 -17.99 0.58
CA ARG B 406 6.84 -17.51 0.80
C ARG B 406 7.86 -18.53 0.30
N GLU B 407 9.09 -18.05 0.11
CA GLU B 407 10.18 -18.89 -0.36
C GLU B 407 10.83 -19.69 0.76
N TYR B 408 10.49 -19.40 2.02
CA TYR B 408 10.98 -20.10 3.19
C TYR B 408 9.79 -20.69 3.95
N PRO B 409 10.03 -21.64 4.85
CA PRO B 409 8.92 -22.19 5.63
C PRO B 409 8.30 -21.14 6.54
N ASN B 410 6.96 -21.16 6.62
CA ASN B 410 6.26 -20.23 7.49
C ASN B 410 6.73 -20.29 8.93
N LYS B 411 7.36 -21.40 9.32
CA LYS B 411 7.79 -21.56 10.71
C LYS B 411 8.88 -20.57 11.09
N ARG B 412 9.69 -20.13 10.12
CA ARG B 412 10.74 -19.16 10.41
C ARG B 412 10.18 -17.83 10.89
N PHE B 413 8.91 -17.55 10.60
CA PHE B 413 8.31 -16.25 10.89
C PHE B 413 7.24 -16.33 11.95
N THR B 414 7.45 -17.20 12.95
CA THR B 414 6.49 -17.31 14.06
C THR B 414 6.35 -15.98 14.78
N ARG B 415 7.44 -15.22 14.91
CA ARG B 415 7.40 -13.87 15.43
C ARG B 415 8.02 -12.92 14.41
N THR B 416 7.45 -11.73 14.30
CA THR B 416 7.94 -10.71 13.39
C THR B 416 8.06 -9.39 14.13
N PHE B 417 9.15 -8.66 13.87
CA PHE B 417 9.39 -7.35 14.46
C PHE B 417 9.94 -6.44 13.37
N PHE B 418 9.39 -5.24 13.24
CA PHE B 418 9.87 -4.28 12.26
C PHE B 418 10.16 -2.94 12.94
N SER B 419 11.02 -2.16 12.30
CA SER B 419 11.48 -0.87 12.82
C SER B 419 11.45 0.15 11.69
N LEU B 420 10.49 1.07 11.74
CA LEU B 420 10.40 2.10 10.71
C LEU B 420 11.57 3.08 10.79
N ALA B 421 12.07 3.34 12.01
CA ALA B 421 13.19 4.26 12.17
C ALA B 421 14.53 3.56 11.87
N GLY B 422 14.77 2.43 12.53
CA GLY B 422 15.96 1.65 12.23
C GLY B 422 15.96 0.99 10.87
N VAL B 423 14.82 1.01 10.18
CA VAL B 423 14.71 0.45 8.84
C VAL B 423 15.26 -0.97 8.87
N GLU B 424 14.72 -1.81 9.75
CA GLU B 424 15.19 -3.18 9.92
C GLU B 424 14.01 -4.04 10.36
N GLU B 425 14.00 -5.29 9.91
CA GLU B 425 12.95 -6.24 10.25
C GLU B 425 13.57 -7.58 10.61
N ASP B 426 13.12 -8.16 11.73
CA ASP B 426 13.69 -9.39 12.25
C ASP B 426 12.61 -10.46 12.38
N TYR B 427 13.06 -11.72 12.37
CA TYR B 427 12.16 -12.87 12.43
C TYR B 427 12.70 -13.89 13.42
N ILE B 428 11.79 -14.57 14.11
CA ILE B 428 12.13 -15.59 15.10
C ILE B 428 11.41 -16.88 14.72
N ASP B 429 12.10 -18.01 14.90
CA ASP B 429 11.57 -19.31 14.55
C ASP B 429 10.90 -19.96 15.77
N GLU B 430 9.82 -20.70 15.51
CA GLU B 430 9.15 -21.43 16.60
C GLU B 430 10.13 -22.35 17.33
N SER B 431 11.15 -22.85 16.63
CA SER B 431 12.11 -23.74 17.27
C SER B 431 13.06 -23.00 18.19
N SER B 432 13.21 -21.68 18.01
CA SER B 432 14.03 -20.89 18.92
C SER B 432 13.31 -20.58 20.24
N ILE B 433 11.99 -20.60 20.24
CA ILE B 433 11.22 -20.23 21.42
C ILE B 433 11.12 -21.42 22.37
N THR B 434 11.04 -21.12 23.66
CA THR B 434 10.91 -22.13 24.70
C THR B 434 9.43 -22.28 25.06
N GLN B 435 9.02 -23.52 25.34
CA GLN B 435 7.62 -23.83 25.61
C GLN B 435 7.46 -24.33 27.03
N ALA B 436 6.56 -23.72 27.78
CA ALA B 436 6.15 -24.20 29.09
C ALA B 436 4.99 -25.18 28.95
N LEU B 437 4.79 -25.98 29.98
CA LEU B 437 3.68 -26.92 29.99
C LEU B 437 2.35 -26.18 29.85
N ASN B 438 1.56 -26.57 28.87
CA ASN B 438 0.27 -25.96 28.60
C ASN B 438 -0.81 -26.84 29.22
N THR B 439 -1.26 -26.47 30.42
CA THR B 439 -2.26 -27.25 31.13
C THR B 439 -3.68 -27.01 30.63
N ARG B 440 -3.88 -25.99 29.80
CA ARG B 440 -5.20 -25.63 29.30
C ARG B 440 -5.43 -26.09 27.87
N LEU B 441 -4.42 -26.66 27.23
CA LEU B 441 -4.54 -27.08 25.84
C LEU B 441 -5.69 -28.07 25.69
N ALA B 442 -6.67 -27.70 24.87
CA ALA B 442 -7.84 -28.55 24.62
C ALA B 442 -8.58 -28.88 25.91
N VAL B 443 -8.73 -27.89 26.79
CA VAL B 443 -9.46 -28.07 28.04
C VAL B 443 -10.90 -27.57 27.93
N GLY B 444 -11.22 -26.76 26.93
CA GLY B 444 -12.59 -26.33 26.73
C GLY B 444 -13.03 -25.25 27.71
N GLY B 445 -14.33 -25.25 28.01
CA GLY B 445 -14.90 -24.28 28.92
C GLY B 445 -14.99 -24.77 30.34
N GLU B 446 -14.07 -25.65 30.73
CA GLU B 446 -14.00 -26.13 32.09
C GLU B 446 -13.95 -24.94 33.06
N GLU B 447 -14.79 -25.00 34.13
CA GLU B 447 -14.95 -23.86 35.03
C GLU B 447 -13.88 -23.86 36.11
N PRO B 448 -13.41 -22.66 36.53
CA PRO B 448 -13.73 -21.32 36.01
C PRO B 448 -13.25 -21.14 34.58
N LEU B 449 -13.99 -20.37 33.77
CA LEU B 449 -13.63 -20.19 32.37
C LEU B 449 -12.21 -19.65 32.26
N LEU B 450 -11.43 -20.24 31.37
CA LEU B 450 -10.03 -19.89 31.15
C LEU B 450 -9.18 -20.02 32.40
N GLY B 451 -9.70 -20.68 33.45
CA GLY B 451 -8.98 -20.78 34.69
C GLY B 451 -8.92 -19.50 35.49
N LEU B 452 -9.87 -18.60 35.29
CA LEU B 452 -9.91 -17.32 36.00
C LEU B 452 -11.21 -17.23 36.80
N PRO B 453 -11.15 -17.27 38.13
CA PRO B 453 -12.40 -17.25 38.91
C PRO B 453 -13.31 -16.08 38.58
N GLU B 454 -12.73 -14.90 38.35
CA GLU B 454 -13.52 -13.75 37.91
C GLU B 454 -14.43 -14.14 36.74
N LEU B 455 -13.87 -14.81 35.74
CA LEU B 455 -14.64 -15.28 34.60
C LEU B 455 -15.54 -16.46 34.93
N GLY B 456 -15.49 -16.99 36.16
CA GLY B 456 -16.31 -18.11 36.52
C GLY B 456 -17.77 -17.71 36.73
N ASP B 457 -18.62 -18.73 36.79
CA ASP B 457 -20.05 -18.55 37.01
C ASP B 457 -20.34 -18.88 38.47
N LYS B 458 -20.63 -17.85 39.26
CA LYS B 458 -20.85 -18.02 40.69
C LYS B 458 -22.34 -18.05 41.02
N ALA C 5 -4.83 21.40 -48.68
CA ALA C 5 -5.40 20.81 -47.48
C ALA C 5 -4.78 21.44 -46.23
N THR C 6 -5.57 22.25 -45.53
CA THR C 6 -5.13 22.93 -44.32
C THR C 6 -5.78 22.36 -43.07
N ARG C 7 -6.28 21.13 -43.13
CA ARG C 7 -6.90 20.51 -41.98
C ARG C 7 -5.89 20.41 -40.83
N ARG C 8 -6.28 20.96 -39.66
CA ARG C 8 -5.41 20.98 -38.48
C ARG C 8 -6.29 20.63 -37.27
N ASP C 9 -6.56 19.35 -37.09
CA ASP C 9 -7.43 18.88 -36.02
C ASP C 9 -6.75 18.89 -34.65
N PHE C 10 -5.42 18.84 -34.62
CA PHE C 10 -4.68 18.91 -33.37
C PHE C 10 -3.34 19.58 -33.64
N SER C 11 -2.73 20.08 -32.57
CA SER C 11 -1.41 20.68 -32.67
C SER C 11 -0.32 19.67 -32.37
N LEU C 12 0.85 19.90 -32.96
CA LEU C 12 2.05 19.17 -32.62
C LEU C 12 2.90 20.06 -31.71
N ARG C 13 4.12 19.61 -31.40
CA ARG C 13 5.06 20.47 -30.72
C ARG C 13 5.28 21.74 -31.55
N PRO C 14 5.51 22.89 -30.91
CA PRO C 14 5.82 24.09 -31.70
C PRO C 14 7.06 23.92 -32.57
N GLU C 15 8.04 23.14 -32.13
CA GLU C 15 9.21 22.90 -32.95
C GLU C 15 8.89 22.01 -34.14
N ASP C 16 8.08 20.97 -33.93
CA ASP C 16 7.59 20.17 -35.04
C ASP C 16 6.93 21.06 -36.09
N GLU C 17 6.07 21.98 -35.64
CA GLU C 17 5.30 22.80 -36.57
C GLU C 17 6.17 23.81 -37.28
N HIS C 18 7.14 24.40 -36.58
CA HIS C 18 8.09 25.29 -37.23
C HIS C 18 8.86 24.56 -38.32
N TYR C 19 9.22 23.30 -38.06
CA TYR C 19 10.01 22.53 -39.03
C TYR C 19 9.20 22.25 -40.29
N LEU C 20 8.01 21.66 -40.14
CA LEU C 20 7.17 21.36 -41.28
C LEU C 20 6.93 22.59 -42.15
N ASP C 21 6.77 23.75 -41.50
CA ASP C 21 6.58 24.98 -42.27
C ASP C 21 7.85 25.39 -43.00
N GLU C 22 8.99 25.34 -42.30
CA GLU C 22 10.26 25.67 -42.94
C GLU C 22 10.54 24.75 -44.12
N MET C 23 10.23 23.46 -43.98
CA MET C 23 10.43 22.52 -45.07
C MET C 23 9.47 22.76 -46.23
N GLY C 24 8.47 23.61 -46.06
CA GLY C 24 7.54 23.90 -47.13
C GLY C 24 6.53 22.80 -47.43
N TYR C 25 6.51 21.74 -46.65
CA TYR C 25 5.55 20.66 -46.87
C TYR C 25 4.13 21.21 -46.88
N CYS C 26 3.24 20.45 -47.54
CA CYS C 26 1.80 20.63 -47.41
C CYS C 26 1.32 19.54 -46.45
N TRP C 27 1.22 19.88 -45.16
CA TRP C 27 0.97 18.91 -44.10
C TRP C 27 -0.34 19.22 -43.39
N GLU C 28 -1.05 18.16 -43.01
CA GLU C 28 -2.30 18.27 -42.29
C GLU C 28 -2.26 17.33 -41.08
N THR C 29 -3.01 17.70 -40.04
CA THR C 29 -3.17 16.87 -38.86
C THR C 29 -4.65 16.53 -38.72
N ARG C 30 -4.97 15.24 -38.82
CA ARG C 30 -6.34 14.76 -38.92
C ARG C 30 -6.65 13.81 -37.77
N LEU C 31 -7.77 14.05 -37.11
CA LEU C 31 -8.32 13.12 -36.14
C LEU C 31 -9.19 12.10 -36.87
N VAL C 32 -8.85 10.82 -36.73
CA VAL C 32 -9.65 9.72 -37.26
C VAL C 32 -10.00 8.84 -36.06
N GLY C 33 -11.23 8.95 -35.57
CA GLY C 33 -11.59 8.33 -34.33
C GLY C 33 -10.79 8.96 -33.20
N ASN C 34 -10.00 8.16 -32.50
CA ASN C 34 -9.06 8.67 -31.51
C ASN C 34 -7.61 8.58 -32.01
N ALA C 35 -7.41 8.34 -33.31
CA ALA C 35 -6.07 8.28 -33.88
C ALA C 35 -5.69 9.67 -34.39
N ARG C 36 -4.55 10.18 -33.92
CA ARG C 36 -4.01 11.44 -34.39
C ARG C 36 -3.03 11.14 -35.53
N TRP C 37 -3.37 11.60 -36.73
CA TRP C 37 -2.55 11.36 -37.91
C TRP C 37 -1.96 12.67 -38.41
N LEU C 38 -0.65 12.70 -38.57
CA LEU C 38 0.04 13.72 -39.36
C LEU C 38 0.24 13.18 -40.76
N ILE C 39 -0.13 13.96 -41.77
CA ILE C 39 -0.07 13.53 -43.16
C ILE C 39 0.59 14.63 -43.97
N ILE C 40 1.70 14.29 -44.63
CA ILE C 40 2.38 15.20 -45.54
C ILE C 40 1.99 14.81 -46.95
N HIS C 41 1.39 15.74 -47.68
CA HIS C 41 0.92 15.48 -49.03
C HIS C 41 2.02 15.73 -50.05
N ASP C 42 2.02 14.89 -51.10
CA ASP C 42 2.94 15.06 -52.22
C ASP C 42 4.40 15.03 -51.77
N TYR C 43 4.73 14.00 -51.00
CA TYR C 43 6.09 13.82 -50.51
C TYR C 43 6.97 13.27 -51.64
N GLU C 44 7.96 14.05 -52.03
CA GLU C 44 8.83 13.66 -53.14
C GLU C 44 9.75 12.53 -52.72
N LEU C 45 9.74 11.44 -53.48
CA LEU C 45 10.54 10.26 -53.22
C LEU C 45 11.81 10.26 -54.05
N PRO C 46 12.81 9.48 -53.66
CA PRO C 46 13.96 9.26 -54.54
C PRO C 46 13.62 8.29 -55.67
N ASP C 47 14.34 8.44 -56.77
CA ASP C 47 14.09 7.61 -57.94
C ASP C 47 14.33 6.14 -57.61
N GLY C 48 13.45 5.28 -58.13
CA GLY C 48 13.62 3.85 -57.95
C GLY C 48 12.37 3.11 -57.50
N TYR C 49 11.30 3.83 -57.22
CA TYR C 49 10.03 3.24 -56.85
C TYR C 49 9.04 3.33 -58.00
N ASN C 50 7.96 2.55 -57.91
CA ASN C 50 6.91 2.62 -58.91
C ASN C 50 6.29 4.01 -58.98
N HIS C 51 6.25 4.72 -57.86
CA HIS C 51 5.71 6.07 -57.81
C HIS C 51 6.80 7.05 -57.44
N HIS C 52 6.53 8.32 -57.70
CA HIS C 52 7.47 9.42 -57.50
C HIS C 52 7.07 10.33 -56.35
N GLN C 53 5.79 10.38 -55.99
CA GLN C 53 5.31 11.07 -54.81
C GLN C 53 4.35 10.15 -54.06
N VAL C 54 4.25 10.36 -52.75
CA VAL C 54 3.31 9.63 -51.89
C VAL C 54 2.85 10.54 -50.78
N ASN C 55 1.79 10.13 -50.09
CA ASN C 55 1.39 10.73 -48.83
C ASN C 55 2.16 10.03 -47.71
N LEU C 56 2.98 10.79 -47.00
CA LEU C 56 3.81 10.26 -45.91
C LEU C 56 3.11 10.57 -44.60
N ALA C 57 2.84 9.52 -43.81
CA ALA C 57 1.99 9.63 -42.64
C ALA C 57 2.69 9.09 -41.40
N LEU C 58 2.44 9.73 -40.27
CA LEU C 58 2.92 9.29 -38.96
C LEU C 58 1.75 9.24 -38.00
N LEU C 59 1.65 8.14 -37.26
CA LEU C 59 0.67 8.03 -36.17
C LEU C 59 1.25 8.70 -34.94
N ILE C 60 0.63 9.82 -34.52
CA ILE C 60 1.10 10.56 -33.35
C ILE C 60 0.49 9.85 -32.12
N THR C 61 1.32 9.09 -31.42
CA THR C 61 0.83 8.26 -30.33
C THR C 61 0.38 9.11 -29.14
N SER C 62 -0.34 8.48 -28.23
CA SER C 62 -0.88 9.14 -27.05
C SER C 62 0.22 9.23 -25.99
N GLY C 63 0.56 10.45 -25.59
CA GLY C 63 1.71 10.69 -24.75
C GLY C 63 2.93 11.21 -25.49
N TYR C 64 2.82 11.45 -26.79
CA TYR C 64 3.92 12.02 -27.56
C TYR C 64 4.32 13.37 -26.97
N PRO C 65 5.63 13.69 -26.90
CA PRO C 65 6.78 12.94 -27.41
C PRO C 65 7.47 12.06 -26.38
N VAL C 66 6.82 11.78 -25.24
CA VAL C 66 7.38 10.84 -24.29
C VAL C 66 7.06 9.41 -24.72
N ASN C 67 5.83 9.17 -25.16
CA ASN C 67 5.54 8.00 -25.99
C ASN C 67 6.26 8.17 -27.33
N MET C 68 6.57 7.05 -27.97
CA MET C 68 7.41 7.05 -29.16
C MET C 68 6.57 6.93 -30.43
N LEU C 69 7.05 7.60 -31.49
CA LEU C 69 6.56 7.35 -32.84
C LEU C 69 7.24 6.09 -33.35
N ASP C 70 6.45 5.09 -33.75
CA ASP C 70 7.02 3.75 -33.96
C ASP C 70 7.33 3.42 -35.41
N MET C 71 6.56 3.91 -36.37
CA MET C 71 6.76 3.53 -37.78
C MET C 71 6.38 4.71 -38.68
N PHE C 72 6.39 4.49 -39.98
CA PHE C 72 5.90 5.46 -40.95
C PHE C 72 5.07 4.75 -42.01
N TYR C 73 4.18 5.51 -42.63
CA TYR C 73 3.18 4.99 -43.55
C TYR C 73 3.23 5.81 -44.83
N VAL C 74 2.78 5.20 -45.93
CA VAL C 74 2.93 5.78 -47.26
C VAL C 74 1.79 5.29 -48.14
N TYR C 75 1.18 6.22 -48.89
CA TYR C 75 0.11 5.89 -49.83
C TYR C 75 0.35 6.73 -51.08
N PRO C 76 0.32 6.13 -52.29
CA PRO C 76 -0.03 4.73 -52.59
C PRO C 76 1.05 3.76 -52.14
N PRO C 77 0.70 2.49 -51.92
CA PRO C 77 1.72 1.50 -51.57
C PRO C 77 2.90 1.56 -52.52
N LEU C 78 4.08 1.24 -51.99
CA LEU C 78 5.33 1.44 -52.72
C LEU C 78 6.00 0.09 -52.99
N VAL C 79 6.60 -0.01 -54.17
CA VAL C 79 7.38 -1.17 -54.57
C VAL C 79 8.54 -0.66 -55.43
N ARG C 80 9.66 -1.38 -55.41
CA ARG C 80 10.77 -1.02 -56.26
C ARG C 80 10.34 -1.05 -57.72
N VAL C 81 10.90 -0.14 -58.52
CA VAL C 81 10.49 -0.01 -59.91
C VAL C 81 10.71 -1.32 -60.65
N ASN C 82 11.70 -2.12 -60.22
CA ASN C 82 11.91 -3.43 -60.82
C ASN C 82 10.84 -4.42 -60.42
N GLY C 83 9.99 -4.07 -59.45
CA GLY C 83 8.90 -4.91 -59.01
C GLY C 83 9.15 -5.67 -57.73
N VAL C 84 10.40 -5.77 -57.30
CA VAL C 84 10.72 -6.51 -56.09
C VAL C 84 10.16 -5.78 -54.88
N ASN C 85 9.46 -6.51 -54.02
CA ASN C 85 8.88 -5.92 -52.83
C ASN C 85 9.97 -5.36 -51.92
N ILE C 86 9.58 -4.41 -51.08
CA ILE C 86 10.47 -3.84 -50.08
C ILE C 86 10.28 -4.63 -48.79
N PRO C 87 11.36 -5.11 -48.15
CA PRO C 87 11.19 -5.95 -46.97
C PRO C 87 10.39 -5.25 -45.87
N ALA C 88 9.57 -6.04 -45.17
CA ALA C 88 8.81 -5.57 -44.02
C ALA C 88 7.95 -4.36 -44.38
N THR C 89 7.14 -4.51 -45.43
CA THR C 89 6.22 -3.47 -45.85
C THR C 89 4.89 -4.07 -46.32
N GLU C 90 4.47 -5.20 -45.72
CA GLU C 90 3.31 -5.90 -46.22
C GLU C 90 2.01 -5.42 -45.57
N ALA C 91 2.04 -5.10 -44.27
CA ALA C 91 0.82 -4.71 -43.59
C ALA C 91 0.30 -3.38 -44.13
N THR C 92 -1.00 -3.17 -43.95
CA THR C 92 -1.66 -1.94 -44.37
C THR C 92 -2.56 -1.46 -43.24
N VAL C 93 -2.79 -0.15 -43.21
CA VAL C 93 -3.54 0.48 -42.13
C VAL C 93 -4.51 1.49 -42.73
N ALA C 94 -5.78 1.39 -42.34
CA ALA C 94 -6.79 2.28 -42.87
C ALA C 94 -6.64 3.67 -42.27
N ILE C 95 -6.60 4.69 -43.13
CA ILE C 95 -6.50 6.09 -42.71
C ILE C 95 -7.63 6.82 -43.43
N ASP C 96 -8.72 7.09 -42.73
CA ASP C 96 -9.88 7.78 -43.31
C ASP C 96 -10.34 7.08 -44.59
N SER C 97 -10.36 5.74 -44.54
CA SER C 97 -10.80 4.90 -45.64
C SER C 97 -9.76 4.82 -46.76
N VAL C 98 -8.48 4.92 -46.41
CA VAL C 98 -7.39 4.79 -47.37
C VAL C 98 -6.40 3.79 -46.81
N ALA C 99 -6.04 2.79 -47.62
CA ALA C 99 -5.15 1.72 -47.20
C ALA C 99 -3.71 2.17 -47.40
N TYR C 100 -3.05 2.54 -46.30
CA TYR C 100 -1.67 2.99 -46.34
C TYR C 100 -0.72 1.81 -46.15
N GLN C 101 0.39 1.83 -46.87
CA GLN C 101 1.45 0.86 -46.66
C GLN C 101 2.20 1.21 -45.39
N ARG C 102 2.34 0.23 -44.49
CA ARG C 102 3.01 0.43 -43.21
C ARG C 102 4.44 -0.12 -43.31
N TRP C 103 5.42 0.77 -43.24
CA TRP C 103 6.82 0.38 -43.24
C TRP C 103 7.21 0.01 -41.80
N SER C 104 7.52 -1.26 -41.58
CA SER C 104 7.90 -1.76 -40.26
C SER C 104 9.37 -1.42 -40.02
N ARG C 105 9.61 -0.22 -39.50
CA ARG C 105 10.96 0.27 -39.21
C ARG C 105 10.98 0.83 -37.80
N HIS C 106 11.81 0.23 -36.95
CA HIS C 106 11.84 0.54 -35.53
C HIS C 106 13.23 1.03 -35.13
N ARG C 107 13.25 1.96 -34.16
CA ARG C 107 14.48 2.50 -33.61
C ARG C 107 14.29 2.71 -32.11
N SER C 108 15.32 3.27 -31.47
CA SER C 108 15.22 3.67 -30.07
C SER C 108 14.68 5.11 -30.00
N TRP C 109 13.88 5.37 -28.99
CA TRP C 109 13.23 6.67 -28.83
C TRP C 109 13.77 7.37 -27.59
N ASN C 110 14.21 8.61 -27.76
CA ASN C 110 14.72 9.43 -26.66
C ASN C 110 13.87 10.69 -26.59
N PRO C 111 13.00 10.84 -25.59
CA PRO C 111 12.13 12.03 -25.55
C PRO C 111 12.89 13.34 -25.54
N GLU C 112 14.13 13.36 -25.07
CA GLU C 112 14.88 14.61 -25.03
C GLU C 112 15.22 15.13 -26.43
N ILE C 113 15.24 14.26 -27.43
CA ILE C 113 15.66 14.65 -28.77
C ILE C 113 14.73 14.18 -29.86
N ASP C 114 13.92 13.15 -29.64
CA ASP C 114 13.13 12.55 -30.72
C ASP C 114 11.78 13.22 -30.85
N SER C 115 11.40 13.50 -32.08
CA SER C 115 10.17 14.22 -32.38
C SER C 115 9.66 13.77 -33.74
N VAL C 116 8.59 14.43 -34.22
CA VAL C 116 8.20 14.30 -35.61
C VAL C 116 9.40 14.50 -36.51
N ILE C 117 10.29 15.43 -36.14
CA ILE C 117 11.42 15.79 -37.00
C ILE C 117 12.30 14.59 -37.24
N SER C 118 12.81 13.99 -36.17
CA SER C 118 13.73 12.87 -36.33
C SER C 118 13.02 11.65 -36.93
N GLN C 119 11.74 11.46 -36.62
CA GLN C 119 11.01 10.34 -37.22
C GLN C 119 10.82 10.55 -38.71
N LEU C 120 10.60 11.81 -39.13
CA LEU C 120 10.62 12.11 -40.57
C LEU C 120 12.02 11.89 -41.14
N ALA C 121 13.06 12.11 -40.33
CA ALA C 121 14.42 11.87 -40.80
C ALA C 121 14.68 10.38 -41.01
N MET C 122 14.23 9.54 -40.07
CA MET C 122 14.32 8.10 -40.28
C MET C 122 13.58 7.69 -41.55
N ALA C 123 12.34 8.16 -41.70
CA ALA C 123 11.53 7.78 -42.85
C ALA C 123 12.27 8.03 -44.16
N ASP C 124 12.90 9.21 -44.28
CA ASP C 124 13.65 9.51 -45.48
C ASP C 124 14.85 8.57 -45.62
N GLY C 125 15.61 8.39 -44.54
CA GLY C 125 16.74 7.49 -44.58
C GLY C 125 16.36 6.08 -44.99
N CYS C 126 15.16 5.64 -44.61
CA CYS C 126 14.70 4.31 -45.02
C CYS C 126 14.30 4.31 -46.49
N LEU C 127 13.71 5.41 -46.97
CA LEU C 127 13.32 5.48 -48.37
C LEU C 127 14.54 5.52 -49.28
N GLN C 128 15.58 6.24 -48.87
CA GLN C 128 16.83 6.23 -49.63
C GLN C 128 17.45 4.83 -49.65
N LYS C 129 17.35 4.11 -48.53
CA LYS C 129 18.02 2.82 -48.43
C LYS C 129 17.42 1.78 -49.36
N GLU C 130 16.11 1.81 -49.57
CA GLU C 130 15.42 0.73 -50.25
C GLU C 130 15.40 0.87 -51.77
N VAL C 131 15.98 1.94 -52.32
CA VAL C 131 16.22 2.02 -53.75
C VAL C 131 17.68 1.82 -54.09
N GLY C 132 18.58 2.30 -53.22
CA GLY C 132 20.01 2.13 -53.42
C GLY C 132 20.46 0.70 -53.22
NA NA D . 19.61 17.72 -11.06
NA NA E . 4.31 -28.46 22.81
#